data_7VQ5
#
_entry.id   7VQ5
#
_cell.length_a   1.00
_cell.length_b   1.00
_cell.length_c   1.00
_cell.angle_alpha   90.00
_cell.angle_beta   90.00
_cell.angle_gamma   90.00
#
_symmetry.space_group_name_H-M   'P 1'
#
loop_
_entity.id
_entity.type
_entity.pdbx_description
1 polymer 'Aluminum-activated malate transporter 1'
2 non-polymer '(2S)-2-hydroxybutanedioic acid'
#
_entity_poly.entity_id   1
_entity_poly.type   'polypeptide(L)'
_entity_poly.pdbx_seq_one_letter_code
;MEKVREIVREGIRVGNEDPRRIIHAFKVGLALVLVSSFYYYQPFGPFTDYFGINAMWAVMTVVVVFEFSVGATLGKGLNR
GVATLVAGGLGIGAHQLARLSGATVEPILLVMLVFVQAALSTFVRFFPWVKTKFDYGILIFILTFALISLSGFRDEEIMD
LAESRLSTVVIGGVSCILISIFVCPVWAGQDLHSLLASNFDTLSHFLQDFGDEYFEAREKGDYKVVEKRKKNLERYKSVL
DSKSDEEALANYAEWEPPHGQFRFRHPWKQYVAVGALLRQCAYRIDALNSYINSDFQIPVDIKKKLETPLRRMSSESGNS
MKEMSISLKQMIKSSSSDIHVSNSQAACKSLSTLLKSGILNDVEPLQMISLMTTVSMLIDIVNLTEKISESVHELASAAR
FKNKMRPTVLYEKSDSGSIGRAMPIDSHEDHHVVTVLHDVDNDRSNNVDDSRGGSSQDSCHHVAIKIVDDNSNHEKHEDG
EIHVHTLSNGHLQLEGGSSGGWSHPQFEK
;
_entity_poly.pdbx_strand_id   A,B
#
loop_
_chem_comp.id
_chem_comp.type
_chem_comp.name
_chem_comp.formula
LMR non-polymer '(2S)-2-hydroxybutanedioic acid' 'C4 H6 O5'
#
# COMPACT_ATOMS: atom_id res chain seq x y z
N MET A 1 31.45 15.15 6.19
CA MET A 1 31.87 13.76 6.26
C MET A 1 30.88 12.96 7.10
N GLU A 2 30.15 13.66 7.97
CA GLU A 2 29.21 12.99 8.87
C GLU A 2 28.08 12.32 8.10
N LYS A 3 27.54 12.97 7.07
CA LYS A 3 26.53 12.33 6.26
C LYS A 3 27.05 11.10 5.54
N VAL A 4 28.33 11.08 5.19
CA VAL A 4 28.91 9.85 4.66
C VAL A 4 28.82 8.74 5.70
N ARG A 5 29.08 9.08 6.96
CA ARG A 5 28.94 8.10 8.02
C ARG A 5 27.51 7.60 8.13
N GLU A 6 26.55 8.52 8.12
CA GLU A 6 25.16 8.10 8.28
C GLU A 6 24.70 7.24 7.11
N ILE A 7 25.12 7.59 5.89
CA ILE A 7 24.70 6.77 4.76
C ILE A 7 25.38 5.40 4.78
N VAL A 8 26.64 5.32 5.17
CA VAL A 8 27.25 3.99 5.20
C VAL A 8 26.68 3.14 6.33
N ARG A 9 26.29 3.76 7.44
CA ARG A 9 25.66 2.98 8.50
C ARG A 9 24.28 2.51 8.09
N GLU A 10 23.51 3.35 7.39
CA GLU A 10 22.22 2.89 6.87
C GLU A 10 22.42 1.74 5.89
N GLY A 11 23.45 1.82 5.04
CA GLY A 11 23.74 0.70 4.18
C GLY A 11 24.04 -0.57 4.95
N ILE A 12 24.84 -0.45 6.02
CA ILE A 12 25.19 -1.62 6.80
C ILE A 12 23.96 -2.26 7.39
N ARG A 13 23.06 -1.47 7.98
CA ARG A 13 21.89 -2.08 8.59
C ARG A 13 20.95 -2.65 7.54
N VAL A 14 20.81 -2.01 6.38
CA VAL A 14 19.93 -2.58 5.35
C VAL A 14 20.49 -3.89 4.84
N GLY A 15 21.82 -3.99 4.69
CA GLY A 15 22.40 -5.22 4.23
C GLY A 15 22.33 -6.33 5.28
N ASN A 16 22.46 -5.96 6.55
CA ASN A 16 22.47 -6.96 7.61
C ASN A 16 21.08 -7.46 7.97
N GLU A 17 20.05 -6.62 7.86
CA GLU A 17 18.69 -7.10 8.04
C GLU A 17 18.37 -8.20 7.04
N ASP A 18 18.93 -8.12 5.84
CA ASP A 18 18.61 -9.07 4.78
C ASP A 18 19.75 -9.20 3.79
N PRO A 19 20.31 -10.39 3.59
CA PRO A 19 21.35 -10.56 2.58
C PRO A 19 20.81 -10.79 1.18
N ARG A 20 19.61 -11.34 1.05
CA ARG A 20 19.06 -11.54 -0.29
C ARG A 20 19.01 -10.25 -1.06
N ARG A 21 18.98 -9.11 -0.39
CA ARG A 21 19.04 -7.85 -1.10
C ARG A 21 20.36 -7.69 -1.83
N ILE A 22 21.47 -8.05 -1.19
CA ILE A 22 22.76 -7.96 -1.86
C ILE A 22 22.85 -8.98 -2.99
N ILE A 23 22.38 -10.20 -2.75
CA ILE A 23 22.46 -11.17 -3.82
C ILE A 23 21.60 -10.76 -5.01
N HIS A 24 20.50 -10.05 -4.78
CA HIS A 24 19.70 -9.56 -5.90
C HIS A 24 20.39 -8.39 -6.59
N ALA A 25 21.04 -7.52 -5.82
CA ALA A 25 21.79 -6.45 -6.45
C ALA A 25 22.89 -6.97 -7.35
N PHE A 26 23.39 -8.17 -7.09
CA PHE A 26 24.33 -8.79 -8.02
C PHE A 26 23.63 -9.51 -9.17
N LYS A 27 22.48 -10.13 -8.91
CA LYS A 27 21.75 -10.79 -9.98
C LYS A 27 21.36 -9.84 -11.09
N VAL A 28 21.01 -8.59 -10.75
CA VAL A 28 20.66 -7.63 -11.80
C VAL A 28 21.84 -7.37 -12.71
N GLY A 29 23.01 -7.11 -12.14
CA GLY A 29 24.19 -6.93 -12.95
C GLY A 29 24.50 -8.13 -13.82
N LEU A 30 24.28 -9.33 -13.28
CA LEU A 30 24.52 -10.53 -14.08
C LEU A 30 23.58 -10.61 -15.27
N ALA A 31 22.31 -10.24 -15.07
CA ALA A 31 21.39 -10.24 -16.20
C ALA A 31 21.81 -9.23 -17.25
N LEU A 32 22.22 -8.04 -16.83
CA LEU A 32 22.65 -7.03 -17.80
C LEU A 32 23.84 -7.52 -18.60
N VAL A 33 24.84 -8.09 -17.94
CA VAL A 33 26.02 -8.58 -18.66
C VAL A 33 25.64 -9.70 -19.61
N LEU A 34 24.84 -10.65 -19.16
CA LEU A 34 24.46 -11.76 -20.04
C LEU A 34 23.74 -11.25 -21.28
N VAL A 35 22.79 -10.33 -21.13
CA VAL A 35 22.07 -9.84 -22.30
C VAL A 35 23.01 -9.07 -23.22
N SER A 36 23.79 -8.17 -22.66
CA SER A 36 24.67 -7.35 -23.48
C SER A 36 25.67 -8.23 -24.23
N SER A 37 26.16 -9.25 -23.56
CA SER A 37 27.13 -10.17 -24.15
C SER A 37 26.53 -10.90 -25.33
N PHE A 38 25.24 -11.19 -25.24
CA PHE A 38 24.51 -11.93 -26.28
C PHE A 38 24.54 -11.20 -27.61
N TYR A 39 24.35 -9.89 -27.55
CA TYR A 39 24.41 -9.08 -28.76
C TYR A 39 25.82 -8.90 -29.35
N TYR A 40 26.81 -8.67 -28.51
CA TYR A 40 28.17 -8.49 -29.01
C TYR A 40 28.74 -9.75 -29.66
N TYR A 41 28.54 -10.90 -29.03
CA TYR A 41 28.98 -12.15 -29.64
C TYR A 41 27.74 -12.88 -30.15
N GLN A 42 27.34 -12.58 -31.38
CA GLN A 42 26.15 -13.18 -31.96
C GLN A 42 26.26 -14.70 -31.92
N PRO A 43 25.42 -15.38 -31.16
CA PRO A 43 25.63 -16.80 -30.90
C PRO A 43 25.50 -17.70 -32.12
N PHE A 44 24.35 -17.69 -32.77
CA PHE A 44 24.17 -18.64 -33.86
C PHE A 44 23.73 -18.00 -35.16
N GLY A 45 22.85 -17.00 -35.09
CA GLY A 45 22.44 -16.30 -36.28
C GLY A 45 22.56 -14.81 -36.10
N PRO A 46 23.42 -14.17 -36.88
CA PRO A 46 23.52 -12.71 -36.79
C PRO A 46 22.20 -12.07 -37.19
N PHE A 47 21.50 -11.51 -36.20
CA PHE A 47 20.20 -10.90 -36.43
C PHE A 47 20.35 -9.71 -37.38
N THR A 48 19.26 -9.42 -38.10
CA THR A 48 19.29 -8.38 -39.11
C THR A 48 19.54 -7.01 -38.49
N ASP A 49 18.73 -6.64 -37.49
CA ASP A 49 18.92 -5.41 -36.73
C ASP A 49 18.88 -4.19 -37.64
N TYR A 50 17.70 -3.97 -38.23
CA TYR A 50 17.57 -2.96 -39.28
C TYR A 50 17.73 -1.54 -38.76
N PHE A 51 17.36 -1.28 -37.52
CA PHE A 51 17.32 0.10 -37.04
C PHE A 51 18.53 0.50 -36.22
N GLY A 52 19.19 -0.44 -35.58
CA GLY A 52 20.37 -0.14 -34.79
C GLY A 52 20.10 0.11 -33.33
N ILE A 53 18.97 -0.33 -32.81
CA ILE A 53 18.63 -0.12 -31.41
C ILE A 53 18.15 -1.40 -30.76
N ASN A 54 18.53 -2.57 -31.28
CA ASN A 54 18.14 -3.79 -30.59
C ASN A 54 18.78 -3.88 -29.22
N ALA A 55 20.07 -3.57 -29.12
CA ALA A 55 20.75 -3.67 -27.84
C ALA A 55 20.18 -2.70 -26.83
N MET A 56 19.88 -1.48 -27.27
CA MET A 56 19.25 -0.50 -26.38
C MET A 56 17.97 -1.06 -25.79
N TRP A 57 17.13 -1.63 -26.62
CA TRP A 57 15.85 -2.12 -26.14
C TRP A 57 16.00 -3.35 -25.25
N ALA A 58 16.96 -4.23 -25.54
CA ALA A 58 17.16 -5.38 -24.68
C ALA A 58 17.60 -4.95 -23.30
N VAL A 59 18.54 -4.01 -23.22
CA VAL A 59 18.99 -3.58 -21.91
C VAL A 59 17.88 -2.81 -21.18
N MET A 60 17.06 -2.07 -21.91
CA MET A 60 15.95 -1.38 -21.25
C MET A 60 14.93 -2.37 -20.70
N THR A 61 14.58 -3.39 -21.47
CA THR A 61 13.66 -4.40 -20.96
C THR A 61 14.22 -5.08 -19.72
N VAL A 62 15.51 -5.42 -19.73
CA VAL A 62 16.07 -6.12 -18.59
C VAL A 62 16.08 -5.22 -17.35
N VAL A 63 16.37 -3.94 -17.52
CA VAL A 63 16.42 -3.08 -16.35
C VAL A 63 15.02 -2.84 -15.80
N VAL A 64 14.01 -2.80 -16.66
CA VAL A 64 12.67 -2.49 -16.17
C VAL A 64 11.97 -3.73 -15.61
N VAL A 65 12.20 -4.91 -16.20
CA VAL A 65 11.43 -6.09 -15.83
C VAL A 65 11.91 -6.70 -14.52
N PHE A 66 13.21 -6.64 -14.26
CA PHE A 66 13.80 -7.40 -13.16
C PHE A 66 13.45 -6.76 -11.82
N GLU A 67 12.68 -7.48 -11.01
CA GLU A 67 12.25 -7.08 -9.69
C GLU A 67 12.71 -8.10 -8.65
N PHE A 68 12.43 -7.81 -7.38
CA PHE A 68 12.98 -8.61 -6.28
C PHE A 68 12.49 -10.04 -6.32
N SER A 69 11.19 -10.25 -6.18
CA SER A 69 10.62 -11.58 -6.11
C SER A 69 10.70 -12.27 -7.45
N VAL A 70 10.22 -13.50 -7.51
CA VAL A 70 10.07 -14.21 -8.77
C VAL A 70 8.73 -13.92 -9.39
N GLY A 71 7.68 -13.81 -8.56
CA GLY A 71 6.39 -13.44 -9.07
C GLY A 71 6.38 -12.06 -9.68
N ALA A 72 7.14 -11.13 -9.11
CA ALA A 72 7.20 -9.79 -9.67
C ALA A 72 7.79 -9.79 -11.06
N THR A 73 8.95 -10.44 -11.24
CA THR A 73 9.56 -10.44 -12.57
C THR A 73 8.72 -11.24 -13.54
N LEU A 74 8.16 -12.37 -13.12
CA LEU A 74 7.33 -13.13 -14.04
C LEU A 74 6.12 -12.34 -14.48
N GLY A 75 5.46 -11.64 -13.55
CA GLY A 75 4.32 -10.83 -13.93
C GLY A 75 4.67 -9.67 -14.83
N LYS A 76 5.74 -8.93 -14.49
CA LYS A 76 6.12 -7.80 -15.32
C LYS A 76 6.53 -8.26 -16.71
N GLY A 77 7.33 -9.32 -16.79
CA GLY A 77 7.75 -9.80 -18.10
C GLY A 77 6.59 -10.31 -18.92
N LEU A 78 5.64 -10.99 -18.29
CA LEU A 78 4.53 -11.52 -19.05
C LEU A 78 3.59 -10.42 -19.52
N ASN A 79 3.29 -9.45 -18.67
CA ASN A 79 2.52 -8.29 -19.10
C ASN A 79 3.21 -7.60 -20.27
N ARG A 80 4.50 -7.29 -20.12
CA ARG A 80 5.20 -6.57 -21.17
C ARG A 80 5.21 -7.34 -22.48
N GLY A 81 5.48 -8.64 -22.42
CA GLY A 81 5.49 -9.44 -23.64
C GLY A 81 4.14 -9.48 -24.33
N VAL A 82 3.09 -9.83 -23.59
CA VAL A 82 1.79 -9.96 -24.23
C VAL A 82 1.29 -8.62 -24.75
N ALA A 83 1.49 -7.55 -23.98
CA ALA A 83 1.07 -6.23 -24.44
C ALA A 83 1.83 -5.82 -25.68
N THR A 84 3.14 -6.06 -25.73
CA THR A 84 3.88 -5.72 -26.93
C THR A 84 3.37 -6.51 -28.12
N LEU A 85 3.07 -7.79 -27.94
CA LEU A 85 2.57 -8.59 -29.05
C LEU A 85 1.26 -8.02 -29.60
N VAL A 86 0.26 -7.89 -28.74
CA VAL A 86 -1.06 -7.46 -29.22
C VAL A 86 -1.00 -6.04 -29.75
N ALA A 87 -0.31 -5.14 -29.05
CA ALA A 87 -0.25 -3.77 -29.49
C ALA A 87 0.55 -3.61 -30.77
N GLY A 88 1.57 -4.43 -31.01
CA GLY A 88 2.26 -4.37 -32.28
C GLY A 88 1.35 -4.81 -33.42
N GLY A 89 0.56 -5.85 -33.19
CA GLY A 89 -0.45 -6.20 -34.17
C GLY A 89 -1.37 -5.04 -34.48
N LEU A 90 -1.94 -4.43 -33.44
CA LEU A 90 -2.86 -3.32 -33.64
C LEU A 90 -2.20 -2.14 -34.32
N GLY A 91 -0.93 -1.88 -34.01
CA GLY A 91 -0.25 -0.75 -34.61
C GLY A 91 0.03 -0.96 -36.08
N ILE A 92 0.43 -2.18 -36.46
CA ILE A 92 0.59 -2.47 -37.88
C ILE A 92 -0.74 -2.32 -38.60
N GLY A 93 -1.83 -2.79 -37.99
CA GLY A 93 -3.13 -2.63 -38.61
C GLY A 93 -3.51 -1.17 -38.80
N ALA A 94 -3.29 -0.35 -37.77
CA ALA A 94 -3.61 1.07 -37.87
C ALA A 94 -2.78 1.74 -38.95
N HIS A 95 -1.52 1.36 -39.09
CA HIS A 95 -0.69 2.00 -40.09
C HIS A 95 -1.11 1.58 -41.49
N GLN A 96 -1.55 0.33 -41.64
CA GLN A 96 -2.10 -0.11 -42.92
C GLN A 96 -3.35 0.68 -43.29
N LEU A 97 -4.26 0.87 -42.33
CA LEU A 97 -5.45 1.66 -42.60
C LEU A 97 -5.08 3.09 -43.00
N ALA A 98 -4.16 3.69 -42.24
CA ALA A 98 -3.73 5.05 -42.55
C ALA A 98 -3.20 5.15 -43.97
N ARG A 99 -2.37 4.19 -44.38
CA ARG A 99 -1.84 4.22 -45.74
C ARG A 99 -2.97 4.06 -46.76
N LEU A 100 -3.86 3.09 -46.52
CA LEU A 100 -4.93 2.82 -47.48
C LEU A 100 -5.84 4.02 -47.67
N SER A 101 -6.04 4.83 -46.64
CA SER A 101 -6.97 5.95 -46.73
C SER A 101 -6.58 6.93 -47.82
N GLY A 102 -5.45 7.60 -47.64
CA GLY A 102 -5.09 8.67 -48.57
C GLY A 102 -3.69 9.17 -48.32
N ALA A 103 -3.41 10.36 -48.85
CA ALA A 103 -2.07 10.92 -48.82
C ALA A 103 -1.87 11.88 -47.66
N THR A 104 -2.67 12.93 -47.58
CA THR A 104 -2.48 13.94 -46.55
C THR A 104 -3.25 13.64 -45.28
N VAL A 105 -4.32 12.85 -45.34
CA VAL A 105 -5.07 12.49 -44.14
C VAL A 105 -4.39 11.40 -43.33
N GLU A 106 -3.20 10.95 -43.74
CA GLU A 106 -2.55 9.88 -43.01
C GLU A 106 -2.11 10.31 -41.61
N PRO A 107 -1.39 11.42 -41.43
CA PRO A 107 -1.09 11.85 -40.06
C PRO A 107 -2.34 12.14 -39.26
N ILE A 108 -3.37 12.70 -39.88
CA ILE A 108 -4.61 12.97 -39.17
C ILE A 108 -5.21 11.68 -38.62
N LEU A 109 -5.32 10.66 -39.46
CA LEU A 109 -5.91 9.41 -39.01
C LEU A 109 -5.06 8.75 -37.94
N LEU A 110 -3.74 8.77 -38.09
CA LEU A 110 -2.89 8.14 -37.10
C LEU A 110 -3.02 8.83 -35.74
N VAL A 111 -3.04 10.15 -35.74
CA VAL A 111 -3.16 10.85 -34.47
C VAL A 111 -4.52 10.60 -33.85
N MET A 112 -5.58 10.56 -34.66
CA MET A 112 -6.91 10.28 -34.11
C MET A 112 -6.96 8.90 -33.46
N LEU A 113 -6.38 7.90 -34.11
CA LEU A 113 -6.40 6.56 -33.54
C LEU A 113 -5.59 6.49 -32.26
N VAL A 114 -4.42 7.13 -32.23
CA VAL A 114 -3.66 7.17 -30.98
C VAL A 114 -4.49 7.80 -29.88
N PHE A 115 -5.18 8.90 -30.20
CA PHE A 115 -6.01 9.55 -29.20
C PHE A 115 -7.06 8.60 -28.64
N VAL A 116 -7.86 8.00 -29.52
CA VAL A 116 -8.96 7.16 -29.07
C VAL A 116 -8.44 6.00 -28.23
N GLN A 117 -7.40 5.33 -28.70
CA GLN A 117 -6.93 4.16 -27.97
C GLN A 117 -6.26 4.51 -26.65
N ALA A 118 -5.44 5.57 -26.60
CA ALA A 118 -4.87 5.98 -25.34
C ALA A 118 -5.94 6.39 -24.35
N ALA A 119 -6.99 7.06 -24.82
CA ALA A 119 -8.06 7.45 -23.90
C ALA A 119 -8.78 6.24 -23.34
N LEU A 120 -9.18 5.29 -24.19
CA LEU A 120 -9.89 4.12 -23.68
C LEU A 120 -9.02 3.32 -22.72
N SER A 121 -7.74 3.16 -23.04
CA SER A 121 -6.89 2.37 -22.15
C SER A 121 -6.62 3.08 -20.84
N THR A 122 -6.36 4.38 -20.87
CA THR A 122 -6.19 5.10 -19.62
C THR A 122 -7.43 4.98 -18.75
N PHE A 123 -8.62 4.98 -19.35
CA PHE A 123 -9.80 4.78 -18.55
C PHE A 123 -9.87 3.38 -17.96
N VAL A 124 -9.60 2.36 -18.77
CA VAL A 124 -9.66 0.99 -18.26
C VAL A 124 -8.67 0.78 -17.12
N ARG A 125 -7.57 1.52 -17.10
CA ARG A 125 -6.59 1.36 -16.03
C ARG A 125 -7.12 1.69 -14.65
N PHE A 126 -8.36 2.13 -14.51
CA PHE A 126 -8.92 2.47 -13.20
C PHE A 126 -9.75 1.35 -12.60
N PHE A 127 -10.15 0.36 -13.40
CA PHE A 127 -10.93 -0.74 -12.89
C PHE A 127 -10.16 -1.44 -11.76
N PRO A 128 -10.87 -2.01 -10.78
CA PRO A 128 -10.15 -2.65 -9.67
C PRO A 128 -9.42 -3.92 -10.06
N TRP A 129 -10.07 -4.79 -10.83
CA TRP A 129 -9.42 -6.02 -11.30
C TRP A 129 -8.13 -5.70 -12.03
N VAL A 130 -8.23 -4.86 -13.07
CA VAL A 130 -7.05 -4.46 -13.83
C VAL A 130 -6.04 -3.77 -12.94
N LYS A 131 -6.51 -2.91 -12.04
CA LYS A 131 -5.56 -2.18 -11.20
C LYS A 131 -4.72 -3.10 -10.35
N THR A 132 -5.28 -4.21 -9.86
CA THR A 132 -4.48 -5.09 -9.04
C THR A 132 -3.61 -6.04 -9.85
N LYS A 133 -4.10 -6.54 -10.97
CA LYS A 133 -3.32 -7.58 -11.65
C LYS A 133 -2.54 -7.10 -12.86
N PHE A 134 -3.20 -6.56 -13.87
CA PHE A 134 -2.58 -6.29 -15.16
C PHE A 134 -2.39 -4.79 -15.40
N ASP A 135 -1.99 -4.04 -14.38
CA ASP A 135 -1.79 -2.62 -14.59
C ASP A 135 -0.65 -2.36 -15.56
N TYR A 136 0.53 -2.90 -15.29
CA TYR A 136 1.69 -2.60 -16.10
C TYR A 136 1.53 -3.13 -17.52
N GLY A 137 0.55 -3.99 -17.75
CA GLY A 137 0.29 -4.41 -19.12
C GLY A 137 -0.29 -3.31 -19.97
N ILE A 138 -1.14 -2.48 -19.38
CA ILE A 138 -1.85 -1.48 -20.17
C ILE A 138 -1.00 -0.24 -20.40
N LEU A 139 -0.14 0.11 -19.44
CA LEU A 139 0.84 1.14 -19.71
C LEU A 139 1.67 0.78 -20.93
N ILE A 140 2.07 -0.49 -21.03
CA ILE A 140 2.87 -0.93 -22.17
C ILE A 140 2.03 -1.00 -23.43
N PHE A 141 0.76 -1.36 -23.32
CA PHE A 141 -0.12 -1.31 -24.49
C PHE A 141 -0.14 0.09 -25.09
N ILE A 142 -0.34 1.10 -24.26
CA ILE A 142 -0.34 2.48 -24.76
C ILE A 142 1.02 2.85 -25.33
N LEU A 143 2.09 2.54 -24.59
CA LEU A 143 3.44 2.82 -25.07
C LEU A 143 3.66 2.27 -26.47
N THR A 144 3.29 1.01 -26.68
CA THR A 144 3.62 0.35 -27.94
C THR A 144 2.76 0.86 -29.09
N PHE A 145 1.46 1.05 -28.85
CA PHE A 145 0.65 1.59 -29.93
C PHE A 145 1.13 2.99 -30.32
N ALA A 146 1.46 3.82 -29.34
CA ALA A 146 1.99 5.13 -29.65
C ALA A 146 3.36 5.08 -30.30
N LEU A 147 4.19 4.09 -29.95
CA LEU A 147 5.47 3.93 -30.62
C LEU A 147 5.29 3.64 -32.09
N ILE A 148 4.55 2.57 -32.40
CA ILE A 148 4.44 2.13 -33.77
C ILE A 148 3.57 3.07 -34.60
N SER A 149 2.77 3.92 -33.98
CA SER A 149 2.02 4.89 -34.76
C SER A 149 2.75 6.22 -34.90
N LEU A 150 3.02 6.89 -33.79
CA LEU A 150 3.48 8.27 -33.83
C LEU A 150 4.94 8.41 -34.24
N SER A 151 5.63 7.32 -34.52
CA SER A 151 6.99 7.40 -35.05
C SER A 151 6.91 7.33 -36.56
N GLY A 152 7.49 8.32 -37.24
CA GLY A 152 7.34 8.39 -38.67
C GLY A 152 8.18 7.38 -39.41
N PHE A 153 7.56 6.31 -39.90
CA PHE A 153 8.24 5.31 -40.70
C PHE A 153 7.31 4.85 -41.80
N ARG A 154 7.86 4.12 -42.77
CA ARG A 154 7.08 3.62 -43.89
C ARG A 154 6.58 2.21 -43.59
N ASP A 155 5.84 1.63 -44.53
CA ASP A 155 5.06 0.42 -44.27
C ASP A 155 5.94 -0.74 -43.85
N GLU A 156 6.78 -1.24 -44.77
CA GLU A 156 7.69 -2.33 -44.43
C GLU A 156 8.58 -1.97 -43.26
N GLU A 157 8.94 -0.69 -43.15
CA GLU A 157 9.70 -0.24 -42.00
C GLU A 157 8.92 -0.44 -40.71
N ILE A 158 7.60 -0.24 -40.76
CA ILE A 158 6.76 -0.44 -39.58
C ILE A 158 6.66 -1.91 -39.23
N MET A 159 6.49 -2.78 -40.23
CA MET A 159 6.46 -4.20 -39.94
C MET A 159 7.76 -4.66 -39.29
N ASP A 160 8.90 -4.18 -39.81
CA ASP A 160 10.19 -4.53 -39.24
C ASP A 160 10.35 -3.97 -37.84
N LEU A 161 9.88 -2.74 -37.60
CA LEU A 161 9.97 -2.16 -36.27
C LEU A 161 9.18 -2.97 -35.27
N ALA A 162 7.96 -3.37 -35.62
CA ALA A 162 7.16 -4.17 -34.71
C ALA A 162 7.83 -5.49 -34.39
N GLU A 163 8.32 -6.19 -35.42
CA GLU A 163 9.01 -7.45 -35.15
C GLU A 163 10.23 -7.24 -34.27
N SER A 164 11.00 -6.20 -34.53
CA SER A 164 12.20 -5.95 -33.74
C SER A 164 11.86 -5.70 -32.28
N ARG A 165 10.89 -4.82 -32.03
CA ARG A 165 10.49 -4.54 -30.66
C ARG A 165 10.02 -5.79 -29.96
N LEU A 166 9.19 -6.60 -30.63
CA LEU A 166 8.69 -7.81 -29.97
C LEU A 166 9.82 -8.77 -29.64
N SER A 167 10.73 -9.01 -30.58
CA SER A 167 11.80 -9.96 -30.33
C SER A 167 12.70 -9.49 -29.21
N THR A 168 12.99 -8.20 -29.18
CA THR A 168 13.84 -7.69 -28.12
C THR A 168 13.18 -7.77 -26.75
N VAL A 169 11.88 -7.46 -26.67
CA VAL A 169 11.17 -7.63 -25.40
C VAL A 169 11.20 -9.08 -24.95
N VAL A 170 10.98 -10.02 -25.87
CA VAL A 170 10.97 -11.42 -25.46
C VAL A 170 12.34 -11.83 -24.94
N ILE A 171 13.41 -11.42 -25.61
CA ILE A 171 14.74 -11.86 -25.16
C ILE A 171 15.09 -11.24 -23.82
N GLY A 172 14.89 -9.94 -23.65
CA GLY A 172 15.13 -9.34 -22.36
C GLY A 172 14.33 -9.99 -21.25
N GLY A 173 13.04 -10.24 -21.49
CA GLY A 173 12.21 -10.82 -20.47
C GLY A 173 12.62 -12.23 -20.09
N VAL A 174 12.91 -13.07 -21.08
CA VAL A 174 13.32 -14.43 -20.78
C VAL A 174 14.64 -14.44 -20.02
N SER A 175 15.59 -13.58 -20.40
CA SER A 175 16.84 -13.55 -19.66
C SER A 175 16.61 -13.19 -18.21
N CYS A 176 15.82 -12.13 -17.96
CA CYS A 176 15.52 -11.74 -16.60
C CYS A 176 14.89 -12.89 -15.82
N ILE A 177 13.91 -13.57 -16.42
CA ILE A 177 13.17 -14.59 -15.69
C ILE A 177 14.06 -15.78 -15.39
N LEU A 178 14.87 -16.22 -16.34
CA LEU A 178 15.74 -17.35 -16.08
C LEU A 178 16.73 -17.04 -14.97
N ILE A 179 17.39 -15.88 -15.02
CA ILE A 179 18.34 -15.60 -13.96
C ILE A 179 17.64 -15.40 -12.62
N SER A 180 16.40 -14.93 -12.61
CA SER A 180 15.74 -14.76 -11.33
C SER A 180 15.29 -16.08 -10.74
N ILE A 181 14.92 -17.04 -11.58
CA ILE A 181 14.46 -18.33 -11.06
C ILE A 181 15.62 -19.26 -10.70
N PHE A 182 16.71 -19.23 -11.44
CA PHE A 182 17.69 -20.30 -11.33
C PHE A 182 18.92 -19.96 -10.52
N VAL A 183 19.11 -18.71 -10.11
CA VAL A 183 20.36 -18.37 -9.44
C VAL A 183 20.19 -18.42 -7.94
N CYS A 184 19.35 -17.55 -7.39
CA CYS A 184 18.99 -17.59 -5.98
C CYS A 184 17.57 -17.12 -5.87
N PRO A 185 16.61 -18.02 -5.99
CA PRO A 185 15.22 -17.59 -6.15
C PRO A 185 14.72 -16.95 -4.88
N VAL A 186 14.07 -15.79 -5.03
CA VAL A 186 13.31 -15.22 -3.94
C VAL A 186 11.85 -15.42 -4.26
N TRP A 187 11.28 -16.52 -3.81
CA TRP A 187 9.86 -16.75 -4.04
C TRP A 187 9.05 -15.86 -3.13
N ALA A 188 8.04 -15.19 -3.69
CA ALA A 188 7.17 -14.36 -2.88
C ALA A 188 6.19 -15.19 -2.07
N GLY A 189 5.83 -16.37 -2.56
CA GLY A 189 4.98 -17.25 -1.79
C GLY A 189 5.59 -17.59 -0.45
N GLN A 190 6.88 -17.92 -0.43
CA GLN A 190 7.51 -18.25 0.83
C GLN A 190 7.68 -17.03 1.71
N ASP A 191 7.87 -15.85 1.14
CA ASP A 191 7.92 -14.66 1.98
C ASP A 191 6.59 -14.42 2.66
N LEU A 192 5.48 -14.65 1.94
CA LEU A 192 4.17 -14.51 2.57
C LEU A 192 3.96 -15.55 3.65
N HIS A 193 4.31 -16.80 3.36
CA HIS A 193 4.22 -17.87 4.36
C HIS A 193 4.98 -17.52 5.63
N SER A 194 6.23 -17.10 5.49
CA SER A 194 7.02 -16.77 6.66
C SER A 194 6.46 -15.56 7.39
N LEU A 195 5.92 -14.59 6.66
CA LEU A 195 5.34 -13.44 7.34
C LEU A 195 4.14 -13.83 8.18
N LEU A 196 3.28 -14.69 7.64
CA LEU A 196 2.15 -15.18 8.42
C LEU A 196 2.61 -15.88 9.70
N ALA A 197 3.57 -16.80 9.57
CA ALA A 197 4.08 -17.49 10.75
C ALA A 197 4.70 -16.53 11.76
N SER A 198 5.47 -15.56 11.29
CA SER A 198 6.06 -14.59 12.19
C SER A 198 5.01 -13.78 12.94
N ASN A 199 3.92 -13.42 12.26
CA ASN A 199 2.85 -12.70 12.94
C ASN A 199 2.27 -13.53 14.06
N PHE A 200 1.92 -14.78 13.77
CA PHE A 200 1.47 -15.68 14.82
C PHE A 200 2.42 -15.66 16.01
N ASP A 201 3.72 -15.71 15.74
CA ASP A 201 4.68 -15.78 16.82
C ASP A 201 4.68 -14.51 17.69
N THR A 202 4.65 -13.33 17.06
CA THR A 202 4.64 -12.11 17.86
C THR A 202 3.40 -12.06 18.74
N LEU A 203 2.26 -12.49 18.21
CA LEU A 203 1.06 -12.47 19.05
C LEU A 203 1.20 -13.40 20.23
N SER A 204 1.78 -14.59 20.03
CA SER A 204 2.01 -15.47 21.18
C SER A 204 2.91 -14.83 22.21
N HIS A 205 3.97 -14.17 21.75
CA HIS A 205 4.87 -13.48 22.68
C HIS A 205 4.10 -12.50 23.54
N PHE A 206 3.25 -11.68 22.90
CA PHE A 206 2.53 -10.69 23.70
C PHE A 206 1.61 -11.37 24.70
N LEU A 207 0.95 -12.45 24.31
CA LEU A 207 0.00 -13.05 25.24
C LEU A 207 0.71 -13.58 26.49
N GLN A 208 1.86 -14.24 26.30
CA GLN A 208 2.60 -14.69 27.48
C GLN A 208 3.09 -13.52 28.31
N ASP A 209 3.71 -12.53 27.66
CA ASP A 209 4.20 -11.37 28.37
C ASP A 209 3.08 -10.65 29.11
N PHE A 210 1.85 -10.69 28.60
CA PHE A 210 0.75 -10.06 29.29
C PHE A 210 0.37 -10.86 30.52
N GLY A 211 0.18 -12.17 30.36
CA GLY A 211 -0.10 -13.00 31.51
C GLY A 211 0.85 -12.73 32.66
N ASP A 212 2.11 -12.42 32.34
CA ASP A 212 3.05 -12.12 33.42
C ASP A 212 2.95 -10.66 33.88
N GLU A 213 2.96 -9.71 32.96
CA GLU A 213 3.13 -8.30 33.28
C GLU A 213 1.91 -7.69 33.95
N TYR A 214 0.73 -8.23 33.68
CA TYR A 214 -0.49 -7.59 34.17
C TYR A 214 -0.53 -7.53 35.70
N PHE A 215 -0.28 -8.66 36.37
CA PHE A 215 -0.38 -8.72 37.81
C PHE A 215 0.87 -8.23 38.51
N GLU A 216 1.78 -7.58 37.80
CA GLU A 216 3.00 -7.08 38.42
C GLU A 216 3.37 -5.71 37.87
N ASP A 222 12.96 2.88 34.74
CA ASP A 222 13.44 3.95 33.87
C ASP A 222 13.86 3.42 32.50
N TYR A 223 14.70 2.39 32.49
CA TYR A 223 15.21 1.88 31.21
C TYR A 223 14.66 0.50 30.89
N LYS A 224 14.70 -0.42 31.85
CA LYS A 224 14.06 -1.72 31.61
C LYS A 224 12.57 -1.56 31.40
N VAL A 225 11.94 -0.56 32.04
CA VAL A 225 10.54 -0.26 31.77
C VAL A 225 10.35 0.07 30.29
N VAL A 226 11.26 0.86 29.73
CA VAL A 226 11.14 1.22 28.32
C VAL A 226 11.42 0.02 27.43
N GLU A 227 12.37 -0.84 27.82
CA GLU A 227 12.64 -2.01 27.00
C GLU A 227 11.46 -2.96 26.98
N LYS A 228 10.83 -3.19 28.13
CA LYS A 228 9.65 -4.05 28.14
C LYS A 228 8.47 -3.38 27.47
N ARG A 229 8.35 -2.06 27.58
CA ARG A 229 7.35 -1.34 26.80
C ARG A 229 7.55 -1.57 25.32
N LYS A 230 8.81 -1.58 24.87
CA LYS A 230 9.08 -1.86 23.47
C LYS A 230 8.70 -3.30 23.13
N LYS A 231 9.19 -4.26 23.92
CA LYS A 231 8.90 -5.67 23.66
C LYS A 231 7.41 -5.98 23.72
N ASN A 232 6.61 -5.10 24.32
CA ASN A 232 5.16 -5.25 24.24
C ASN A 232 4.61 -4.57 23.00
N LEU A 233 4.87 -3.27 22.86
CA LEU A 233 4.27 -2.47 21.79
C LEU A 233 4.69 -2.98 20.42
N GLU A 234 5.99 -2.92 20.14
CA GLU A 234 6.48 -3.02 18.76
C GLU A 234 5.90 -4.22 18.02
N ARG A 235 5.74 -5.35 18.69
CA ARG A 235 5.39 -6.57 17.96
C ARG A 235 3.98 -6.49 17.40
N TYR A 236 2.99 -6.37 18.27
CA TYR A 236 1.64 -6.25 17.73
C TYR A 236 1.47 -4.98 16.93
N LYS A 237 2.19 -3.91 17.28
CA LYS A 237 2.07 -2.69 16.48
C LYS A 237 2.63 -2.86 15.08
N SER A 238 3.50 -3.85 14.88
CA SER A 238 3.93 -4.18 13.53
C SER A 238 2.93 -5.09 12.84
N VAL A 239 2.26 -5.96 13.60
CA VAL A 239 1.21 -6.76 12.98
C VAL A 239 0.10 -5.86 12.45
N LEU A 240 -0.16 -4.77 13.15
CA LEU A 240 -1.27 -3.88 12.78
C LEU A 240 -1.00 -3.16 11.46
N ASP A 241 0.23 -2.73 11.22
CA ASP A 241 0.54 -1.90 10.07
C ASP A 241 1.08 -2.69 8.89
N SER A 242 0.61 -3.91 8.68
CA SER A 242 1.15 -4.74 7.61
C SER A 242 0.03 -5.33 6.78
N LYS A 243 -0.94 -4.52 6.40
CA LYS A 243 -1.98 -5.00 5.50
C LYS A 243 -1.52 -4.98 4.05
N SER A 244 -0.83 -3.90 3.65
CA SER A 244 -0.41 -3.76 2.27
C SER A 244 0.67 -4.75 1.89
N ASP A 245 1.59 -5.06 2.81
CA ASP A 245 2.64 -6.01 2.50
C ASP A 245 2.08 -7.39 2.20
N GLU A 246 1.18 -7.88 3.04
CA GLU A 246 0.54 -9.16 2.78
C GLU A 246 -0.28 -9.10 1.50
N GLU A 247 -1.02 -8.01 1.29
CA GLU A 247 -1.84 -7.93 0.08
C GLU A 247 -0.99 -7.95 -1.19
N ALA A 248 0.21 -7.39 -1.16
CA ALA A 248 1.06 -7.39 -2.34
C ALA A 248 1.73 -8.74 -2.55
N LEU A 249 2.27 -9.31 -1.47
CA LEU A 249 2.88 -10.61 -1.59
C LEU A 249 1.87 -11.65 -2.06
N ALA A 250 0.59 -11.47 -1.76
CA ALA A 250 -0.40 -12.39 -2.27
C ALA A 250 -0.48 -12.35 -3.80
N ASN A 251 -0.52 -11.16 -4.40
CA ASN A 251 -0.54 -11.08 -5.85
C ASN A 251 0.69 -11.71 -6.45
N TYR A 252 1.87 -11.27 -6.01
CA TYR A 252 3.09 -11.85 -6.52
C TYR A 252 3.05 -13.36 -6.42
N ALA A 253 2.63 -13.90 -5.27
CA ALA A 253 2.57 -15.33 -5.11
C ALA A 253 1.59 -15.97 -6.08
N GLU A 254 0.53 -15.27 -6.45
CA GLU A 254 -0.36 -15.84 -7.45
C GLU A 254 0.35 -15.99 -8.78
N TRP A 255 1.29 -15.09 -9.09
CA TRP A 255 1.94 -15.15 -10.39
C TRP A 255 2.92 -16.31 -10.54
N GLU A 256 3.31 -16.97 -9.44
CA GLU A 256 4.51 -17.81 -9.42
C GLU A 256 4.25 -19.22 -9.95
N PRO A 257 5.30 -19.97 -10.26
CA PRO A 257 5.14 -21.36 -10.65
C PRO A 257 5.17 -22.25 -9.43
N PRO A 258 4.90 -23.55 -9.59
CA PRO A 258 4.97 -24.45 -8.45
C PRO A 258 6.39 -24.83 -8.12
N HIS A 259 6.68 -24.98 -6.83
CA HIS A 259 7.97 -25.44 -6.37
C HIS A 259 7.80 -26.22 -5.07
N GLY A 260 8.92 -26.58 -4.46
CA GLY A 260 8.95 -27.52 -3.36
C GLY A 260 8.01 -27.24 -2.21
N GLN A 261 7.06 -28.15 -1.98
CA GLN A 261 6.01 -28.12 -0.95
C GLN A 261 4.93 -27.10 -1.26
N PHE A 262 4.95 -26.46 -2.42
CA PHE A 262 3.94 -25.49 -2.81
C PHE A 262 3.32 -25.92 -4.13
N ARG A 263 2.17 -26.56 -4.06
CA ARG A 263 1.58 -27.17 -5.23
C ARG A 263 1.05 -26.12 -6.20
N PHE A 264 0.30 -26.60 -7.21
CA PHE A 264 -0.15 -25.72 -8.28
C PHE A 264 -1.23 -24.76 -7.80
N ARG A 265 -2.21 -25.26 -7.06
CA ARG A 265 -3.30 -24.45 -6.54
C ARG A 265 -3.03 -24.13 -5.07
N HIS A 266 -2.21 -23.14 -4.86
CA HIS A 266 -1.97 -22.83 -3.45
C HIS A 266 -2.80 -21.65 -3.04
N PRO A 267 -3.60 -21.76 -2.01
CA PRO A 267 -4.61 -20.75 -1.71
C PRO A 267 -4.05 -19.55 -0.98
N TRP A 268 -3.54 -18.56 -1.71
CA TRP A 268 -3.00 -17.37 -1.06
C TRP A 268 -4.10 -16.47 -0.48
N LYS A 269 -5.30 -16.51 -1.06
CA LYS A 269 -6.37 -15.71 -0.49
C LYS A 269 -6.75 -16.18 0.90
N GLN A 270 -6.65 -17.48 1.18
CA GLN A 270 -6.88 -17.93 2.55
C GLN A 270 -5.79 -17.43 3.49
N TYR A 271 -4.55 -17.33 3.00
CA TYR A 271 -3.50 -16.70 3.79
C TYR A 271 -3.89 -15.28 4.16
N VAL A 272 -4.43 -14.53 3.20
CA VAL A 272 -4.79 -13.16 3.53
C VAL A 272 -5.99 -13.12 4.47
N ALA A 273 -6.90 -14.08 4.37
CA ALA A 273 -8.03 -14.12 5.29
C ALA A 273 -7.57 -14.36 6.73
N VAL A 274 -6.68 -15.34 6.92
CA VAL A 274 -6.12 -15.57 8.24
C VAL A 274 -5.37 -14.35 8.73
N GLY A 275 -4.69 -13.64 7.82
CA GLY A 275 -4.08 -12.38 8.22
C GLY A 275 -5.09 -11.37 8.73
N ALA A 276 -6.27 -11.33 8.13
CA ALA A 276 -7.30 -10.42 8.60
C ALA A 276 -7.76 -10.78 10.00
N LEU A 277 -7.98 -12.07 10.26
CA LEU A 277 -8.33 -12.49 11.61
C LEU A 277 -7.25 -12.09 12.61
N LEU A 278 -5.98 -12.31 12.25
CA LEU A 278 -4.90 -11.89 13.12
C LEU A 278 -4.92 -10.40 13.37
N ARG A 279 -5.31 -9.61 12.38
CA ARG A 279 -5.42 -8.17 12.59
C ARG A 279 -6.51 -7.84 13.60
N GLN A 280 -7.62 -8.58 13.59
CA GLN A 280 -8.62 -8.37 14.63
C GLN A 280 -8.06 -8.66 16.02
N CYS A 281 -7.36 -9.79 16.15
CA CYS A 281 -6.68 -10.07 17.41
C CYS A 281 -5.75 -8.93 17.79
N ALA A 282 -5.08 -8.33 16.82
CA ALA A 282 -4.20 -7.21 17.14
C ALA A 282 -4.98 -6.02 17.65
N TYR A 283 -6.17 -5.75 17.11
CA TYR A 283 -7.01 -4.68 17.66
C TYR A 283 -7.25 -4.91 19.15
N ARG A 284 -7.71 -6.12 19.49
CA ARG A 284 -8.02 -6.40 20.89
C ARG A 284 -6.79 -6.30 21.78
N ILE A 285 -5.67 -6.88 21.32
CA ILE A 285 -4.42 -6.82 22.07
C ILE A 285 -3.97 -5.38 22.25
N ASP A 286 -4.25 -4.53 21.29
CA ASP A 286 -3.89 -3.13 21.43
C ASP A 286 -4.71 -2.46 22.52
N ALA A 287 -6.00 -2.77 22.59
CA ALA A 287 -6.79 -2.22 23.69
C ALA A 287 -6.24 -2.68 25.03
N LEU A 288 -5.89 -3.96 25.13
CA LEU A 288 -5.29 -4.47 26.37
C LEU A 288 -4.02 -3.70 26.73
N ASN A 289 -3.11 -3.55 25.78
CA ASN A 289 -1.87 -2.85 26.07
C ASN A 289 -2.11 -1.42 26.47
N SER A 290 -3.04 -0.74 25.80
CA SER A 290 -3.31 0.64 26.19
C SER A 290 -3.85 0.71 27.60
N TYR A 291 -4.58 -0.31 28.04
CA TYR A 291 -5.00 -0.32 29.44
C TYR A 291 -3.89 -0.75 30.39
N ILE A 292 -2.81 -1.32 29.89
CA ILE A 292 -1.65 -1.61 30.74
C ILE A 292 -0.85 -0.35 31.03
N ASN A 293 -0.65 0.49 30.02
CA ASN A 293 0.22 1.66 30.13
C ASN A 293 -0.50 2.92 30.60
N SER A 294 -1.64 2.78 31.29
CA SER A 294 -2.28 3.95 31.86
C SER A 294 -1.77 4.21 33.28
N ASP A 295 -1.99 5.42 33.76
CA ASP A 295 -1.54 5.76 35.11
C ASP A 295 -2.48 5.17 36.16
N PHE A 296 -3.79 5.28 35.95
CA PHE A 296 -4.75 4.80 36.94
C PHE A 296 -4.81 3.29 36.90
N GLN A 297 -3.97 2.64 37.71
CA GLN A 297 -3.91 1.20 37.78
C GLN A 297 -4.59 0.72 39.06
N ILE A 298 -5.27 -0.41 38.96
CA ILE A 298 -5.99 -0.96 40.10
C ILE A 298 -4.99 -1.44 41.15
N PRO A 299 -5.26 -1.28 42.44
CA PRO A 299 -4.45 -1.96 43.44
C PRO A 299 -4.39 -3.46 43.18
N VAL A 300 -3.28 -4.07 43.60
CA VAL A 300 -2.85 -5.32 43.00
C VAL A 300 -3.72 -6.50 43.44
N ASP A 301 -4.09 -6.55 44.73
CA ASP A 301 -4.78 -7.73 45.24
C ASP A 301 -6.17 -7.91 44.64
N ILE A 302 -6.84 -6.82 44.25
CA ILE A 302 -8.13 -6.96 43.59
C ILE A 302 -7.97 -7.62 42.22
N LYS A 303 -6.84 -7.39 41.55
CA LYS A 303 -6.54 -8.17 40.36
C LYS A 303 -6.17 -9.60 40.73
N LYS A 304 -5.39 -9.78 41.79
CA LYS A 304 -4.95 -11.11 42.17
C LYS A 304 -6.11 -12.02 42.54
N LYS A 305 -7.25 -11.46 42.93
CA LYS A 305 -8.39 -12.31 43.22
C LYS A 305 -8.99 -12.96 41.98
N LEU A 306 -8.65 -12.48 40.78
CA LEU A 306 -8.99 -13.16 39.54
C LEU A 306 -7.74 -13.63 38.80
N GLU A 307 -6.56 -13.43 39.40
CA GLU A 307 -5.29 -13.81 38.80
C GLU A 307 -5.25 -15.24 38.28
N THR A 308 -6.02 -16.17 38.83
CA THR A 308 -5.82 -17.53 38.37
C THR A 308 -6.42 -17.74 36.98
N PRO A 309 -7.73 -17.57 36.77
CA PRO A 309 -8.29 -17.88 35.46
C PRO A 309 -7.80 -16.96 34.37
N LEU A 310 -7.53 -15.70 34.67
CA LEU A 310 -7.01 -14.81 33.63
C LEU A 310 -5.64 -15.25 33.16
N ARG A 311 -4.77 -15.64 34.08
CA ARG A 311 -3.47 -16.16 33.70
C ARG A 311 -3.60 -17.44 32.91
N ARG A 312 -4.50 -18.34 33.30
CA ARG A 312 -4.70 -19.56 32.55
C ARG A 312 -5.20 -19.27 31.13
N MET A 313 -6.18 -18.37 30.99
CA MET A 313 -6.71 -18.05 29.67
C MET A 313 -5.63 -17.46 28.78
N SER A 314 -4.91 -16.45 29.27
CA SER A 314 -3.88 -15.83 28.47
C SER A 314 -2.82 -16.84 28.05
N SER A 315 -2.36 -17.67 28.99
CA SER A 315 -1.31 -18.62 28.68
C SER A 315 -1.76 -19.63 27.64
N GLU A 316 -2.98 -20.15 27.77
CA GLU A 316 -3.41 -21.15 26.80
C GLU A 316 -3.66 -20.56 25.43
N SER A 317 -4.17 -19.34 25.35
CA SER A 317 -4.26 -18.70 24.05
C SER A 317 -2.89 -18.55 23.43
N GLY A 318 -1.91 -18.10 24.21
CA GLY A 318 -0.55 -17.98 23.69
C GLY A 318 0.00 -19.30 23.19
N ASN A 319 -0.21 -20.38 23.93
CA ASN A 319 0.31 -21.66 23.50
C ASN A 319 -0.39 -22.16 22.25
N SER A 320 -1.69 -21.90 22.11
CA SER A 320 -2.38 -22.30 20.89
C SER A 320 -1.84 -21.55 19.68
N MET A 321 -1.62 -20.24 19.83
CA MET A 321 -1.07 -19.46 18.72
C MET A 321 0.34 -19.94 18.38
N LYS A 322 1.13 -20.26 19.40
CA LYS A 322 2.48 -20.76 19.17
C LYS A 322 2.47 -22.07 18.41
N GLU A 323 1.55 -22.97 18.76
CA GLU A 323 1.46 -24.22 18.02
C GLU A 323 1.01 -24.00 16.59
N MET A 324 0.10 -23.05 16.35
CA MET A 324 -0.25 -22.76 14.97
C MET A 324 0.94 -22.22 14.18
N SER A 325 1.75 -21.37 14.81
CA SER A 325 2.93 -20.85 14.13
C SER A 325 3.92 -21.96 13.80
N ILE A 326 4.11 -22.90 14.73
CA ILE A 326 5.04 -24.00 14.46
C ILE A 326 4.48 -24.93 13.40
N SER A 327 3.17 -25.15 13.39
CA SER A 327 2.56 -25.96 12.35
C SER A 327 2.63 -25.30 10.99
N LEU A 328 2.69 -23.98 10.93
CA LEU A 328 2.90 -23.33 9.64
C LEU A 328 4.36 -23.31 9.22
N LYS A 329 5.29 -23.13 10.16
CA LYS A 329 6.71 -23.17 9.79
C LYS A 329 7.12 -24.55 9.34
N GLN A 330 6.55 -25.59 9.93
CA GLN A 330 6.90 -26.96 9.58
C GLN A 330 6.10 -27.51 8.42
N MET A 331 5.06 -26.80 7.98
CA MET A 331 4.28 -27.18 6.80
C MET A 331 3.63 -28.55 6.99
N ILE A 332 3.14 -28.82 8.20
CA ILE A 332 2.52 -30.09 8.53
C ILE A 332 1.21 -29.80 9.25
N LYS A 333 0.18 -30.59 8.94
CA LYS A 333 -1.05 -30.50 9.71
C LYS A 333 -0.75 -30.78 11.17
N SER A 334 -1.37 -30.00 12.06
CA SER A 334 -1.14 -30.18 13.49
C SER A 334 -2.48 -30.35 14.19
N SER A 335 -2.45 -31.04 15.33
CA SER A 335 -3.64 -31.26 16.13
C SER A 335 -3.40 -30.98 17.60
N SER A 336 -2.37 -30.21 17.93
CA SER A 336 -2.21 -29.78 19.31
C SER A 336 -3.06 -28.55 19.62
N SER A 337 -3.28 -27.70 18.62
CA SER A 337 -4.13 -26.52 18.80
C SER A 337 -5.50 -26.88 19.36
N ASP A 338 -6.01 -28.07 19.06
CA ASP A 338 -7.28 -28.48 19.64
C ASP A 338 -7.19 -28.58 21.16
N ILE A 339 -6.16 -29.24 21.68
CA ILE A 339 -5.99 -29.32 23.12
C ILE A 339 -5.79 -27.93 23.70
N HIS A 340 -4.93 -27.13 23.07
CA HIS A 340 -4.59 -25.83 23.63
C HIS A 340 -5.75 -24.85 23.56
N VAL A 341 -6.73 -25.07 22.70
CA VAL A 341 -7.88 -24.19 22.67
C VAL A 341 -9.02 -24.72 23.54
N SER A 342 -9.14 -26.05 23.66
CA SER A 342 -10.11 -26.60 24.59
C SER A 342 -9.78 -26.19 26.02
N ASN A 343 -8.50 -26.14 26.36
CA ASN A 343 -8.12 -25.67 27.70
C ASN A 343 -8.60 -24.25 27.92
N SER A 344 -8.50 -23.39 26.91
CA SER A 344 -8.93 -22.00 27.07
C SER A 344 -10.44 -21.89 27.16
N GLN A 345 -11.19 -22.70 26.42
CA GLN A 345 -12.64 -22.70 26.60
C GLN A 345 -13.01 -23.15 28.01
N ALA A 346 -12.32 -24.17 28.54
CA ALA A 346 -12.56 -24.60 29.90
C ALA A 346 -12.24 -23.50 30.90
N ALA A 347 -11.17 -22.76 30.66
CA ALA A 347 -10.83 -21.64 31.54
C ALA A 347 -11.88 -20.54 31.48
N CYS A 348 -12.45 -20.31 30.31
CA CYS A 348 -13.55 -19.36 30.21
C CYS A 348 -14.75 -19.81 31.04
N LYS A 349 -15.09 -21.09 30.95
CA LYS A 349 -16.20 -21.61 31.75
C LYS A 349 -15.92 -21.50 33.24
N SER A 350 -14.69 -21.80 33.65
CA SER A 350 -14.35 -21.67 35.06
C SER A 350 -14.40 -20.23 35.54
N LEU A 351 -13.95 -19.28 34.72
CA LEU A 351 -14.08 -17.88 35.09
C LEU A 351 -15.54 -17.48 35.18
N SER A 352 -16.37 -18.02 34.30
CA SER A 352 -17.80 -17.73 34.38
C SER A 352 -18.38 -18.21 35.69
N THR A 353 -18.10 -19.46 36.07
CA THR A 353 -18.62 -19.97 37.33
C THR A 353 -17.94 -19.36 38.55
N LEU A 354 -16.79 -18.72 38.38
CA LEU A 354 -16.21 -17.94 39.47
C LEU A 354 -16.90 -16.59 39.61
N LEU A 355 -17.24 -15.95 38.50
CA LEU A 355 -17.97 -14.70 38.56
C LEU A 355 -19.39 -14.91 39.07
N LYS A 356 -20.01 -16.06 38.75
CA LYS A 356 -21.32 -16.38 39.29
C LYS A 356 -21.30 -16.46 40.81
N SER A 357 -20.23 -17.00 41.39
CA SER A 357 -20.11 -17.11 42.84
C SER A 357 -20.06 -15.76 43.53
N GLY A 358 -20.03 -14.67 42.78
CA GLY A 358 -20.12 -13.35 43.37
C GLY A 358 -18.95 -13.03 44.27
N ILE A 359 -17.78 -12.84 43.67
CA ILE A 359 -16.60 -12.45 44.43
C ILE A 359 -16.28 -10.96 44.29
N LEU A 360 -16.61 -10.37 43.15
CA LEU A 360 -16.29 -8.96 42.90
C LEU A 360 -17.31 -8.00 43.49
N ASN A 361 -18.15 -8.45 44.43
CA ASN A 361 -19.22 -7.60 44.92
C ASN A 361 -18.74 -6.49 45.84
N ASP A 362 -17.47 -6.49 46.25
CA ASP A 362 -17.02 -5.63 47.32
C ASP A 362 -16.03 -4.57 46.89
N VAL A 363 -15.85 -4.37 45.58
CA VAL A 363 -14.87 -3.41 45.06
C VAL A 363 -15.60 -2.22 44.48
N GLU A 364 -14.98 -1.04 44.54
CA GLU A 364 -15.58 0.16 43.98
C GLU A 364 -15.79 -0.03 42.48
N PRO A 365 -16.88 0.50 41.92
CA PRO A 365 -17.27 0.14 40.55
C PRO A 365 -16.36 0.66 39.46
N LEU A 366 -15.46 1.60 39.74
CA LEU A 366 -14.51 2.04 38.72
C LEU A 366 -13.45 0.99 38.47
N GLN A 367 -12.91 0.43 39.55
CA GLN A 367 -12.06 -0.73 39.41
C GLN A 367 -12.81 -1.86 38.72
N MET A 368 -14.13 -1.94 38.92
CA MET A 368 -14.92 -2.90 38.15
C MET A 368 -14.89 -2.56 36.67
N ILE A 369 -15.00 -1.28 36.31
CA ILE A 369 -14.86 -0.88 34.90
C ILE A 369 -13.59 -1.49 34.32
N SER A 370 -12.45 -1.19 34.94
CA SER A 370 -11.18 -1.61 34.38
C SER A 370 -11.06 -3.14 34.33
N LEU A 371 -11.47 -3.80 35.40
CA LEU A 371 -11.25 -5.23 35.50
C LEU A 371 -12.13 -6.00 34.53
N MET A 372 -13.41 -5.65 34.45
CA MET A 372 -14.28 -6.26 33.46
C MET A 372 -13.88 -5.88 32.05
N THR A 373 -13.26 -4.72 31.84
CA THR A 373 -12.71 -4.39 30.55
C THR A 373 -11.68 -5.42 30.13
N THR A 374 -10.69 -5.66 31.00
CA THR A 374 -9.67 -6.65 30.64
C THR A 374 -10.27 -8.03 30.44
N VAL A 375 -11.20 -8.42 31.30
CA VAL A 375 -11.81 -9.75 31.16
C VAL A 375 -12.52 -9.88 29.82
N SER A 376 -13.22 -8.81 29.41
CA SER A 376 -13.94 -8.86 28.14
C SER A 376 -12.99 -8.95 26.97
N MET A 377 -11.94 -8.13 26.96
CA MET A 377 -10.98 -8.20 25.86
C MET A 377 -10.34 -9.58 25.78
N LEU A 378 -10.03 -10.19 26.93
CA LEU A 378 -9.39 -11.51 26.90
C LEU A 378 -10.36 -12.58 26.39
N ILE A 379 -11.62 -12.50 26.78
CA ILE A 379 -12.58 -13.49 26.29
C ILE A 379 -12.75 -13.36 24.78
N ASP A 380 -12.76 -12.13 24.28
CA ASP A 380 -12.86 -11.94 22.85
C ASP A 380 -11.62 -12.49 22.14
N ILE A 381 -10.44 -12.28 22.71
CA ILE A 381 -9.23 -12.85 22.14
C ILE A 381 -9.32 -14.37 22.09
N VAL A 382 -9.87 -14.99 23.13
CA VAL A 382 -9.97 -16.44 23.14
C VAL A 382 -10.88 -16.92 22.02
N ASN A 383 -12.05 -16.30 21.87
CA ASN A 383 -12.94 -16.71 20.80
C ASN A 383 -12.29 -16.51 19.43
N LEU A 384 -11.52 -15.43 19.29
CA LEU A 384 -10.85 -15.18 18.03
C LEU A 384 -9.81 -16.25 17.73
N THR A 385 -9.07 -16.68 18.74
CA THR A 385 -8.10 -17.75 18.47
C THR A 385 -8.79 -19.06 18.16
N GLU A 386 -9.99 -19.28 18.70
CA GLU A 386 -10.74 -20.46 18.28
C GLU A 386 -11.06 -20.39 16.79
N LYS A 387 -11.56 -19.24 16.33
CA LYS A 387 -11.87 -19.09 14.92
C LYS A 387 -10.62 -19.22 14.06
N ILE A 388 -9.51 -18.63 14.50
CA ILE A 388 -8.27 -18.72 13.75
C ILE A 388 -7.79 -20.15 13.68
N SER A 389 -7.96 -20.91 14.75
CA SER A 389 -7.58 -22.31 14.73
C SER A 389 -8.36 -23.07 13.68
N GLU A 390 -9.67 -22.86 13.65
CA GLU A 390 -10.45 -23.54 12.62
C GLU A 390 -10.01 -23.14 11.22
N SER A 391 -9.74 -21.85 11.02
CA SER A 391 -9.41 -21.39 9.67
C SER A 391 -8.05 -21.90 9.23
N VAL A 392 -7.06 -21.94 10.12
CA VAL A 392 -5.76 -22.47 9.75
C VAL A 392 -5.85 -23.97 9.51
N HIS A 393 -6.65 -24.69 10.29
CA HIS A 393 -6.86 -26.09 9.99
C HIS A 393 -7.42 -26.28 8.59
N GLU A 394 -8.38 -25.43 8.21
CA GLU A 394 -8.96 -25.52 6.87
C GLU A 394 -7.92 -25.21 5.80
N LEU A 395 -7.11 -24.18 6.01
CA LEU A 395 -6.07 -23.84 5.05
C LEU A 395 -5.10 -25.00 4.88
N ALA A 396 -4.62 -25.57 5.98
CA ALA A 396 -3.67 -26.67 5.88
C ALA A 396 -4.30 -27.89 5.22
N SER A 397 -5.61 -28.08 5.37
CA SER A 397 -6.24 -29.19 4.67
C SER A 397 -6.30 -28.95 3.17
N ALA A 398 -6.86 -27.81 2.76
CA ALA A 398 -7.05 -27.51 1.35
C ALA A 398 -5.83 -26.91 0.68
N ALA A 399 -4.67 -27.00 1.30
CA ALA A 399 -3.41 -26.71 0.64
C ALA A 399 -2.49 -27.92 0.61
N ARG A 400 -3.01 -29.09 1.00
CA ARG A 400 -2.32 -30.37 0.88
C ARG A 400 -0.99 -30.35 1.64
N PHE A 401 -1.11 -30.31 2.96
CA PHE A 401 0.04 -30.43 3.83
C PHE A 401 0.31 -31.90 4.12
N LYS A 402 1.56 -32.20 4.49
CA LYS A 402 1.94 -33.56 4.79
C LYS A 402 1.16 -34.08 5.98
N ASN A 403 0.35 -35.11 5.75
CA ASN A 403 -0.55 -35.65 6.75
C ASN A 403 0.18 -36.45 7.83
N LYS A 404 1.50 -36.41 7.86
CA LYS A 404 2.27 -37.25 8.76
C LYS A 404 2.05 -36.86 10.21
N MET A 405 2.15 -35.56 10.51
CA MET A 405 2.04 -35.06 11.88
C MET A 405 3.13 -35.66 12.76
N MET B 1 -22.04 -13.09 -24.72
CA MET B 1 -22.55 -11.73 -24.78
C MET B 1 -22.80 -11.21 -23.37
N GLU B 2 -23.09 -12.13 -22.44
CA GLU B 2 -23.35 -11.72 -21.06
C GLU B 2 -22.14 -11.07 -20.42
N LYS B 3 -20.95 -11.63 -20.63
CA LYS B 3 -19.73 -11.03 -20.11
C LYS B 3 -19.42 -9.69 -20.76
N VAL B 4 -20.06 -9.37 -21.88
CA VAL B 4 -19.95 -8.02 -22.42
C VAL B 4 -20.74 -7.04 -21.55
N ARG B 5 -21.73 -7.55 -20.80
CA ARG B 5 -22.48 -6.69 -19.91
C ARG B 5 -21.71 -6.42 -18.62
N GLU B 6 -21.16 -7.47 -18.03
CA GLU B 6 -20.42 -7.31 -16.77
C GLU B 6 -19.18 -6.44 -16.96
N ILE B 7 -18.83 -6.11 -18.20
CA ILE B 7 -17.75 -5.17 -18.40
C ILE B 7 -18.27 -3.76 -18.64
N VAL B 8 -19.40 -3.61 -19.34
CA VAL B 8 -19.92 -2.27 -19.57
C VAL B 8 -20.61 -1.73 -18.33
N ARG B 9 -21.25 -2.58 -17.54
CA ARG B 9 -21.82 -2.12 -16.30
C ARG B 9 -20.74 -1.77 -15.28
N GLU B 10 -19.59 -2.43 -15.36
CA GLU B 10 -18.48 -2.04 -14.49
C GLU B 10 -17.86 -0.74 -14.95
N GLY B 11 -18.02 -0.40 -16.23
CA GLY B 11 -17.53 0.87 -16.70
C GLY B 11 -18.33 2.03 -16.14
N ILE B 12 -19.65 1.87 -16.07
CA ILE B 12 -20.50 2.98 -15.66
C ILE B 12 -20.28 3.32 -14.20
N ARG B 13 -20.21 2.31 -13.34
CA ARG B 13 -20.05 2.60 -11.92
C ARG B 13 -18.68 3.20 -11.61
N VAL B 14 -17.69 2.99 -12.48
CA VAL B 14 -16.41 3.65 -12.27
C VAL B 14 -16.49 5.10 -12.75
N GLY B 15 -17.26 5.37 -13.79
CA GLY B 15 -17.40 6.74 -14.26
C GLY B 15 -18.22 7.61 -13.33
N ASN B 16 -19.30 7.05 -12.77
CA ASN B 16 -20.15 7.83 -11.89
C ASN B 16 -19.58 7.97 -10.49
N GLU B 17 -18.85 6.98 -9.99
CA GLU B 17 -18.20 7.14 -8.69
C GLU B 17 -17.30 8.36 -8.69
N ASP B 18 -16.61 8.61 -9.79
CA ASP B 18 -15.73 9.76 -9.92
C ASP B 18 -15.70 10.23 -11.37
N PRO B 19 -16.21 11.42 -11.67
CA PRO B 19 -16.11 11.92 -13.04
C PRO B 19 -14.71 12.30 -13.46
N ARG B 20 -13.87 12.79 -12.54
CA ARG B 20 -12.53 13.21 -12.93
C ARG B 20 -11.73 12.10 -13.58
N ARG B 21 -12.17 10.86 -13.46
CA ARG B 21 -11.45 9.78 -14.10
C ARG B 21 -11.63 9.82 -15.61
N ILE B 22 -12.72 10.40 -16.09
CA ILE B 22 -12.94 10.50 -17.53
C ILE B 22 -12.23 11.71 -18.10
N ILE B 23 -12.23 12.83 -17.37
CA ILE B 23 -11.53 14.00 -17.84
C ILE B 23 -10.03 13.78 -17.81
N HIS B 24 -9.56 12.76 -17.10
CA HIS B 24 -8.14 12.44 -17.16
C HIS B 24 -7.84 11.56 -18.36
N ALA B 25 -8.73 10.63 -18.69
CA ALA B 25 -8.52 9.82 -19.88
C ALA B 25 -8.47 10.65 -21.15
N PHE B 26 -9.03 11.86 -21.13
CA PHE B 26 -8.90 12.76 -22.26
C PHE B 26 -7.72 13.69 -22.14
N LYS B 27 -7.16 13.84 -20.94
CA LYS B 27 -5.96 14.66 -20.80
C LYS B 27 -4.72 13.93 -21.27
N VAL B 28 -4.69 12.59 -21.12
CA VAL B 28 -3.57 11.84 -21.66
C VAL B 28 -3.62 11.84 -23.18
N GLY B 29 -4.80 11.69 -23.76
CA GLY B 29 -4.90 11.78 -25.21
C GLY B 29 -4.49 13.14 -25.74
N LEU B 30 -4.58 14.18 -24.91
CA LEU B 30 -4.27 15.52 -25.40
C LEU B 30 -2.79 15.81 -25.33
N ALA B 31 -2.07 15.16 -24.41
CA ALA B 31 -0.63 15.38 -24.36
C ALA B 31 0.06 14.69 -25.53
N LEU B 32 -0.44 13.53 -25.95
CA LEU B 32 0.15 12.85 -27.09
C LEU B 32 -0.06 13.64 -28.37
N VAL B 33 -1.28 14.11 -28.61
CA VAL B 33 -1.56 14.89 -29.80
C VAL B 33 -0.75 16.17 -29.81
N LEU B 34 -0.55 16.77 -28.64
CA LEU B 34 0.22 18.01 -28.60
C LEU B 34 1.70 17.75 -28.87
N VAL B 35 2.29 16.75 -28.21
CA VAL B 35 3.70 16.46 -28.43
C VAL B 35 3.93 16.02 -29.87
N SER B 36 3.13 15.06 -30.34
CA SER B 36 3.31 14.58 -31.70
C SER B 36 3.15 15.69 -32.72
N SER B 37 2.48 16.77 -32.34
CA SER B 37 2.44 17.95 -33.22
C SER B 37 3.77 18.69 -33.19
N PHE B 38 4.33 18.87 -32.01
CA PHE B 38 5.57 19.62 -31.87
C PHE B 38 6.69 19.01 -32.70
N TYR B 39 6.63 17.69 -32.91
CA TYR B 39 7.70 17.02 -33.65
C TYR B 39 7.34 16.82 -35.11
N TYR B 40 6.08 17.05 -35.50
CA TYR B 40 5.76 17.04 -36.91
C TYR B 40 5.85 18.43 -37.51
N TYR B 41 5.03 19.36 -37.03
CA TYR B 41 5.11 20.75 -37.48
C TYR B 41 6.18 21.45 -36.67
N GLN B 42 7.44 21.36 -37.11
CA GLN B 42 8.54 21.95 -36.37
C GLN B 42 8.29 23.44 -36.17
N PRO B 43 8.13 23.89 -34.94
CA PRO B 43 7.65 25.26 -34.69
C PRO B 43 8.61 26.36 -35.11
N PHE B 44 9.82 26.36 -34.58
CA PHE B 44 10.68 27.48 -34.87
C PHE B 44 12.05 27.08 -35.39
N GLY B 45 12.63 26.01 -34.87
CA GLY B 45 13.89 25.52 -35.36
C GLY B 45 13.84 24.03 -35.61
N PRO B 46 14.00 23.63 -36.86
CA PRO B 46 14.03 22.20 -37.15
C PRO B 46 15.20 21.52 -36.45
N PHE B 47 14.89 20.74 -35.42
CA PHE B 47 15.92 20.06 -34.65
C PHE B 47 16.71 19.10 -35.54
N THR B 48 17.95 18.85 -35.13
CA THR B 48 18.85 18.04 -35.95
C THR B 48 18.35 16.61 -36.08
N ASP B 49 18.03 15.97 -34.96
CA ASP B 49 17.44 14.62 -34.94
C ASP B 49 18.34 13.63 -35.67
N TYR B 50 19.51 13.41 -35.08
CA TYR B 50 20.54 12.63 -35.76
C TYR B 50 20.19 11.14 -35.86
N PHE B 51 19.46 10.59 -34.90
CA PHE B 51 19.25 9.15 -34.87
C PHE B 51 17.92 8.72 -35.44
N GLY B 52 16.92 9.59 -35.46
CA GLY B 52 15.63 9.24 -36.01
C GLY B 52 14.64 8.69 -35.01
N ILE B 53 14.87 8.90 -33.72
CA ILE B 53 13.96 8.38 -32.70
C ILE B 53 13.60 9.44 -31.67
N ASN B 54 13.72 10.72 -32.01
CA ASN B 54 13.23 11.74 -31.08
C ASN B 54 11.73 11.63 -30.90
N ALA B 55 10.99 11.41 -31.98
CA ALA B 55 9.54 11.32 -31.85
C ALA B 55 9.12 10.07 -31.10
N MET B 56 9.94 9.02 -31.13
CA MET B 56 9.65 7.85 -30.33
C MET B 56 9.84 8.13 -28.85
N TRP B 57 10.90 8.86 -28.51
CA TRP B 57 11.20 9.05 -27.11
C TRP B 57 10.31 10.09 -26.46
N ALA B 58 9.86 11.09 -27.21
CA ALA B 58 8.96 12.09 -26.63
C ALA B 58 7.62 11.45 -26.29
N VAL B 59 7.15 10.54 -27.12
CA VAL B 59 5.86 9.93 -26.87
C VAL B 59 6.00 8.79 -25.87
N MET B 60 7.22 8.31 -25.64
CA MET B 60 7.41 7.31 -24.60
C MET B 60 7.53 7.95 -23.24
N THR B 61 7.96 9.21 -23.18
CA THR B 61 8.01 9.88 -21.89
C THR B 61 6.62 10.29 -21.43
N VAL B 62 5.77 10.74 -22.35
CA VAL B 62 4.44 11.21 -21.98
C VAL B 62 3.58 10.08 -21.45
N VAL B 63 3.70 8.89 -22.03
CA VAL B 63 2.87 7.78 -21.57
C VAL B 63 3.30 7.32 -20.20
N VAL B 64 4.56 7.51 -19.86
CA VAL B 64 5.07 7.02 -18.58
C VAL B 64 4.97 8.08 -17.49
N VAL B 65 5.18 9.35 -17.84
CA VAL B 65 5.24 10.40 -16.83
C VAL B 65 3.84 10.81 -16.37
N PHE B 66 2.85 10.72 -17.25
CA PHE B 66 1.54 11.30 -16.96
C PHE B 66 0.75 10.37 -16.06
N GLU B 67 0.48 10.83 -14.84
CA GLU B 67 -0.29 10.12 -13.83
C GLU B 67 -1.50 10.96 -13.40
N PHE B 68 -2.34 10.37 -12.55
CA PHE B 68 -3.61 10.99 -12.20
C PHE B 68 -3.41 12.35 -11.53
N SER B 69 -2.77 12.37 -10.37
CA SER B 69 -2.62 13.57 -9.59
C SER B 69 -1.68 14.55 -10.28
N VAL B 70 -1.47 15.69 -9.64
CA VAL B 70 -0.48 16.65 -10.12
C VAL B 70 0.86 16.41 -9.46
N GLY B 71 0.85 15.95 -8.22
CA GLY B 71 2.11 15.61 -7.57
C GLY B 71 2.72 14.34 -8.11
N ALA B 72 1.92 13.52 -8.79
CA ALA B 72 2.46 12.31 -9.37
C ALA B 72 3.18 12.59 -10.67
N THR B 73 2.65 13.49 -11.49
CA THR B 73 3.37 13.84 -12.71
C THR B 73 4.53 14.77 -12.42
N LEU B 74 4.34 15.74 -11.53
CA LEU B 74 5.45 16.62 -11.17
C LEU B 74 6.53 15.85 -10.43
N GLY B 75 6.23 14.62 -10.01
CA GLY B 75 7.24 13.83 -9.34
C GLY B 75 7.92 12.86 -10.27
N LYS B 76 7.15 12.12 -11.07
CA LYS B 76 7.75 11.24 -12.05
C LYS B 76 8.53 12.02 -13.09
N GLY B 77 8.01 13.17 -13.49
CA GLY B 77 8.68 13.93 -14.53
C GLY B 77 9.90 14.67 -14.01
N LEU B 78 10.06 14.73 -12.70
CA LEU B 78 11.22 15.41 -12.14
C LEU B 78 12.31 14.42 -11.76
N ASN B 79 11.95 13.22 -11.34
CA ASN B 79 12.93 12.16 -11.22
C ASN B 79 13.51 11.82 -12.59
N ARG B 80 12.65 11.53 -13.55
CA ARG B 80 13.10 11.15 -14.88
C ARG B 80 13.88 12.27 -15.55
N GLY B 81 13.60 13.51 -15.18
CA GLY B 81 14.33 14.61 -15.77
C GLY B 81 15.72 14.78 -15.19
N VAL B 82 15.84 14.61 -13.87
CA VAL B 82 17.14 14.77 -13.23
C VAL B 82 17.99 13.52 -13.41
N ALA B 83 17.40 12.34 -13.31
CA ALA B 83 18.18 11.12 -13.46
C ALA B 83 18.76 10.99 -14.85
N THR B 84 18.14 11.59 -15.84
CA THR B 84 18.71 11.57 -17.18
C THR B 84 19.81 12.61 -17.31
N LEU B 85 19.70 13.73 -16.59
CA LEU B 85 20.74 14.75 -16.68
C LEU B 85 22.03 14.28 -16.05
N VAL B 86 21.95 13.62 -14.90
CA VAL B 86 23.17 13.18 -14.23
C VAL B 86 23.75 11.95 -14.91
N ALA B 87 22.93 10.92 -15.11
CA ALA B 87 23.42 9.70 -15.74
C ALA B 87 23.91 9.94 -17.15
N GLY B 88 23.38 10.93 -17.85
CA GLY B 88 23.91 11.27 -19.15
C GLY B 88 25.34 11.78 -19.06
N GLY B 89 25.67 12.45 -17.96
CA GLY B 89 27.05 12.83 -17.75
C GLY B 89 27.93 11.65 -17.44
N LEU B 90 27.52 10.83 -16.47
CA LEU B 90 28.27 9.62 -16.15
C LEU B 90 28.33 8.67 -17.34
N GLY B 91 27.33 8.74 -18.23
CA GLY B 91 27.33 7.85 -19.38
C GLY B 91 28.34 8.26 -20.43
N ILE B 92 28.65 9.55 -20.50
CA ILE B 92 29.67 9.99 -21.45
C ILE B 92 31.05 9.78 -20.87
N GLY B 93 31.28 10.19 -19.62
CA GLY B 93 32.58 10.01 -19.03
C GLY B 93 33.01 8.56 -18.96
N ALA B 94 32.06 7.66 -18.71
CA ALA B 94 32.39 6.24 -18.73
C ALA B 94 32.74 5.78 -20.12
N HIS B 95 32.34 6.53 -21.13
CA HIS B 95 32.63 6.11 -22.50
C HIS B 95 33.90 6.78 -23.01
N GLN B 96 34.43 7.74 -22.25
CA GLN B 96 35.74 8.28 -22.55
C GLN B 96 36.85 7.40 -22.01
N LEU B 97 36.67 6.87 -20.79
CA LEU B 97 37.66 5.95 -20.23
C LEU B 97 37.79 4.70 -21.08
N ALA B 98 36.68 4.24 -21.65
CA ALA B 98 36.74 3.07 -22.50
C ALA B 98 37.66 3.28 -23.68
N ARG B 99 37.53 4.43 -24.35
CA ARG B 99 38.36 4.69 -25.52
C ARG B 99 39.80 4.97 -25.12
N LEU B 100 40.00 5.81 -24.10
CA LEU B 100 41.35 6.18 -23.67
C LEU B 100 42.18 4.97 -23.30
N SER B 101 41.57 3.94 -22.74
CA SER B 101 42.29 2.76 -22.29
C SER B 101 42.95 2.04 -23.45
N GLY B 102 42.15 1.50 -24.37
CA GLY B 102 42.70 0.70 -25.45
C GLY B 102 41.64 0.32 -26.44
N ALA B 103 41.98 -0.64 -27.30
CA ALA B 103 41.09 -1.05 -28.39
C ALA B 103 40.25 -2.27 -28.01
N THR B 104 40.90 -3.38 -27.68
CA THR B 104 40.18 -4.61 -27.36
C THR B 104 39.59 -4.61 -25.96
N VAL B 105 40.19 -3.87 -25.03
CA VAL B 105 39.65 -3.75 -23.68
C VAL B 105 38.40 -2.89 -23.63
N GLU B 106 38.08 -2.19 -24.73
CA GLU B 106 36.94 -1.27 -24.71
C GLU B 106 35.63 -1.99 -24.42
N PRO B 107 35.23 -3.05 -25.14
CA PRO B 107 34.00 -3.74 -24.76
C PRO B 107 34.11 -4.49 -23.44
N ILE B 108 35.30 -4.55 -22.85
CA ILE B 108 35.44 -5.18 -21.55
C ILE B 108 35.25 -4.15 -20.44
N LEU B 109 35.81 -2.95 -20.62
CA LEU B 109 35.72 -1.95 -19.57
C LEU B 109 34.35 -1.34 -19.48
N LEU B 110 33.57 -1.34 -20.57
CA LEU B 110 32.25 -0.75 -20.53
C LEU B 110 31.26 -1.66 -19.85
N VAL B 111 31.43 -2.97 -19.97
CA VAL B 111 30.51 -3.89 -19.33
C VAL B 111 30.73 -3.91 -17.83
N MET B 112 31.98 -3.79 -17.38
CA MET B 112 32.24 -3.78 -15.95
C MET B 112 31.62 -2.57 -15.28
N LEU B 113 31.70 -1.40 -15.90
CA LEU B 113 31.15 -0.20 -15.30
C LEU B 113 29.64 -0.22 -15.30
N VAL B 114 29.02 -0.95 -16.23
CA VAL B 114 27.58 -1.15 -16.15
C VAL B 114 27.25 -2.08 -15.00
N PHE B 115 28.13 -3.05 -14.75
CA PHE B 115 27.90 -3.98 -13.65
C PHE B 115 28.01 -3.28 -12.31
N VAL B 116 29.08 -2.50 -12.11
CA VAL B 116 29.34 -1.94 -10.80
C VAL B 116 28.26 -0.96 -10.39
N GLN B 117 27.82 -0.11 -11.31
CA GLN B 117 26.89 0.93 -10.90
C GLN B 117 25.43 0.49 -10.99
N ALA B 118 25.12 -0.56 -11.75
CA ALA B 118 23.78 -1.11 -11.68
C ALA B 118 23.64 -2.06 -10.50
N ALA B 119 24.76 -2.46 -9.90
CA ALA B 119 24.69 -3.27 -8.69
C ALA B 119 24.59 -2.39 -7.45
N LEU B 120 25.22 -1.21 -7.47
CA LEU B 120 25.08 -0.30 -6.34
C LEU B 120 23.72 0.37 -6.34
N SER B 121 23.26 0.81 -7.51
CA SER B 121 22.00 1.52 -7.58
C SER B 121 20.82 0.61 -7.27
N THR B 122 20.90 -0.66 -7.64
CA THR B 122 19.83 -1.57 -7.23
C THR B 122 19.78 -1.71 -5.72
N PHE B 123 20.93 -1.69 -5.06
CA PHE B 123 20.95 -1.80 -3.60
C PHE B 123 20.36 -0.58 -2.93
N VAL B 124 20.69 0.62 -3.43
CA VAL B 124 20.18 1.84 -2.83
C VAL B 124 18.66 1.89 -2.89
N ARG B 125 18.06 1.24 -3.88
CA ARG B 125 16.61 1.25 -4.02
C ARG B 125 15.90 0.51 -2.91
N PHE B 126 16.61 -0.12 -1.98
CA PHE B 126 16.00 -0.76 -0.84
C PHE B 126 15.97 0.14 0.39
N PHE B 127 16.72 1.22 0.38
CA PHE B 127 16.75 2.11 1.53
C PHE B 127 15.35 2.62 1.83
N PRO B 128 15.04 2.89 3.09
CA PRO B 128 13.67 3.34 3.41
C PRO B 128 13.43 4.79 3.02
N TRP B 129 14.47 5.61 2.97
CA TRP B 129 14.27 7.00 2.57
C TRP B 129 14.10 7.11 1.06
N VAL B 130 14.87 6.34 0.30
CA VAL B 130 14.81 6.39 -1.15
C VAL B 130 13.53 5.74 -1.65
N LYS B 131 13.09 4.66 -1.01
CA LYS B 131 11.99 3.87 -1.53
C LYS B 131 10.70 4.67 -1.66
N THR B 132 10.51 5.68 -0.83
CA THR B 132 9.24 6.39 -0.82
C THR B 132 9.19 7.53 -1.83
N LYS B 133 10.29 8.23 -2.05
CA LYS B 133 10.27 9.43 -2.86
C LYS B 133 10.95 9.26 -4.20
N PHE B 134 12.24 8.95 -4.20
CA PHE B 134 13.04 8.92 -5.41
C PHE B 134 13.27 7.51 -5.93
N ASP B 135 12.27 6.64 -5.84
CA ASP B 135 12.45 5.30 -6.37
C ASP B 135 12.55 5.33 -7.88
N TYR B 136 11.54 5.89 -8.55
CA TYR B 136 11.54 5.89 -10.01
C TYR B 136 12.69 6.72 -10.54
N GLY B 137 13.31 7.53 -9.71
CA GLY B 137 14.50 8.24 -10.14
C GLY B 137 15.68 7.33 -10.32
N ILE B 138 15.73 6.25 -9.55
CA ILE B 138 16.90 5.38 -9.59
C ILE B 138 16.70 4.24 -10.58
N LEU B 139 15.46 3.88 -10.88
CA LEU B 139 15.23 2.97 -11.98
C LEU B 139 15.67 3.59 -13.29
N ILE B 140 15.52 4.90 -13.43
CA ILE B 140 15.93 5.59 -14.65
C ILE B 140 17.43 5.77 -14.69
N PHE B 141 18.06 6.01 -13.54
CA PHE B 141 19.50 6.15 -13.51
C PHE B 141 20.21 4.90 -13.99
N ILE B 142 19.52 3.76 -13.99
CA ILE B 142 20.13 2.53 -14.48
C ILE B 142 19.86 2.34 -15.97
N LEU B 143 18.68 2.73 -16.44
CA LEU B 143 18.43 2.72 -17.88
C LEU B 143 19.43 3.59 -18.60
N THR B 144 19.55 4.84 -18.17
CA THR B 144 20.34 5.80 -18.94
C THR B 144 21.81 5.42 -18.97
N PHE B 145 22.39 5.06 -17.84
CA PHE B 145 23.78 4.65 -17.87
C PHE B 145 23.97 3.37 -18.68
N ALA B 146 22.92 2.58 -18.81
CA ALA B 146 23.00 1.38 -19.63
C ALA B 146 22.49 1.60 -21.04
N LEU B 147 21.93 2.77 -21.33
CA LEU B 147 21.67 3.13 -22.71
C LEU B 147 22.93 3.63 -23.37
N ILE B 148 23.59 4.61 -22.76
CA ILE B 148 24.73 5.26 -23.36
C ILE B 148 25.96 4.39 -23.33
N SER B 149 25.98 3.34 -22.50
CA SER B 149 27.14 2.43 -22.50
C SER B 149 26.90 1.21 -23.39
N LEU B 150 25.89 0.42 -23.09
CA LEU B 150 25.74 -0.88 -23.72
C LEU B 150 25.20 -0.80 -25.14
N SER B 151 24.90 0.39 -25.65
CA SER B 151 24.52 0.53 -27.04
C SER B 151 25.76 0.92 -27.83
N GLY B 152 26.07 0.16 -28.87
CA GLY B 152 27.32 0.37 -29.57
C GLY B 152 27.30 1.60 -30.45
N PHE B 153 27.96 2.67 -30.01
CA PHE B 153 28.08 3.87 -30.79
C PHE B 153 29.49 4.44 -30.60
N ARG B 154 29.92 5.26 -31.55
CA ARG B 154 31.26 5.82 -31.53
C ARG B 154 31.30 7.03 -30.60
N ASP B 155 32.46 7.68 -30.55
CA ASP B 155 32.70 8.72 -29.54
C ASP B 155 31.80 9.93 -29.77
N GLU B 156 31.92 10.57 -30.93
CA GLU B 156 31.08 11.73 -31.23
C GLU B 156 29.61 11.37 -31.28
N GLU B 157 29.29 10.11 -31.57
CA GLU B 157 27.91 9.69 -31.68
C GLU B 157 27.24 9.64 -30.31
N ILE B 158 28.05 9.60 -29.25
CA ILE B 158 27.50 9.50 -27.91
C ILE B 158 27.09 10.86 -27.38
N MET B 159 27.89 11.88 -27.63
CA MET B 159 27.54 13.22 -27.15
C MET B 159 26.22 13.68 -27.74
N ASP B 160 25.80 13.07 -28.86
CA ASP B 160 24.48 13.33 -29.40
C ASP B 160 23.42 12.45 -28.77
N LEU B 161 23.73 11.17 -28.55
CA LEU B 161 22.75 10.28 -27.93
C LEU B 161 22.42 10.73 -26.52
N ALA B 162 23.37 11.32 -25.82
CA ALA B 162 23.10 11.80 -24.47
C ALA B 162 22.25 13.05 -24.51
N GLU B 163 22.44 13.90 -25.51
CA GLU B 163 21.64 15.11 -25.61
C GLU B 163 20.28 14.82 -26.22
N SER B 164 20.24 13.96 -27.23
CA SER B 164 18.95 13.62 -27.85
C SER B 164 18.04 12.93 -26.86
N ARG B 165 18.61 12.21 -25.89
CA ARG B 165 17.80 11.57 -24.87
C ARG B 165 17.35 12.58 -23.83
N LEU B 166 18.22 13.52 -23.47
CA LEU B 166 17.87 14.49 -22.44
C LEU B 166 16.86 15.51 -22.96
N SER B 167 17.08 16.02 -24.17
CA SER B 167 16.19 17.04 -24.69
C SER B 167 14.82 16.47 -25.03
N THR B 168 14.72 15.14 -25.13
CA THR B 168 13.44 14.53 -25.41
C THR B 168 12.76 14.07 -24.13
N VAL B 169 13.41 14.27 -22.98
CA VAL B 169 12.76 14.01 -21.71
C VAL B 169 12.22 15.31 -21.12
N VAL B 170 12.90 16.42 -21.39
CA VAL B 170 12.41 17.71 -20.93
C VAL B 170 11.16 18.12 -21.69
N ILE B 171 11.10 17.84 -22.99
CA ILE B 171 9.95 18.25 -23.76
C ILE B 171 8.77 17.31 -23.52
N GLY B 172 9.01 16.01 -23.54
CA GLY B 172 7.94 15.10 -23.21
C GLY B 172 7.54 15.17 -21.75
N GLY B 173 8.43 15.71 -20.91
CA GLY B 173 8.13 15.80 -19.50
C GLY B 173 7.37 17.06 -19.15
N VAL B 174 7.75 18.19 -19.75
CA VAL B 174 7.03 19.44 -19.50
C VAL B 174 5.63 19.37 -20.08
N SER B 175 5.50 18.86 -21.31
CA SER B 175 4.19 18.83 -21.95
C SER B 175 3.19 18.01 -21.15
N CYS B 176 3.68 17.14 -20.26
CA CYS B 176 2.79 16.40 -19.39
C CYS B 176 2.38 17.25 -18.20
N ILE B 177 3.28 18.12 -17.75
CA ILE B 177 3.03 18.88 -16.52
C ILE B 177 2.17 20.10 -16.82
N LEU B 178 2.36 20.72 -17.98
CA LEU B 178 1.55 21.89 -18.30
C LEU B 178 0.09 21.53 -18.52
N ILE B 179 -0.17 20.30 -18.96
CA ILE B 179 -1.57 19.90 -19.11
C ILE B 179 -2.18 19.48 -17.78
N SER B 180 -1.42 18.77 -16.95
CA SER B 180 -1.96 18.37 -15.66
C SER B 180 -2.28 19.56 -14.78
N ILE B 181 -1.52 20.63 -14.89
CA ILE B 181 -1.71 21.77 -14.01
C ILE B 181 -2.76 22.74 -14.53
N PHE B 182 -2.91 22.86 -15.85
CA PHE B 182 -3.70 23.95 -16.40
C PHE B 182 -5.03 23.53 -17.00
N VAL B 183 -5.27 22.25 -17.22
CA VAL B 183 -6.51 21.89 -17.91
C VAL B 183 -7.61 21.60 -16.89
N CYS B 184 -7.43 20.56 -16.08
CA CYS B 184 -8.36 20.28 -14.98
C CYS B 184 -7.53 19.66 -13.89
N PRO B 185 -6.95 20.48 -13.01
CA PRO B 185 -5.94 19.94 -12.09
C PRO B 185 -6.59 19.03 -11.08
N VAL B 186 -6.01 17.84 -10.93
CA VAL B 186 -6.37 16.98 -9.82
C VAL B 186 -5.26 17.10 -8.79
N TRP B 187 -5.41 18.02 -7.86
CA TRP B 187 -4.39 18.17 -6.82
C TRP B 187 -4.51 17.03 -5.83
N ALA B 188 -3.41 16.31 -5.62
CA ALA B 188 -3.41 15.27 -4.60
C ALA B 188 -3.43 15.87 -3.21
N GLY B 189 -3.01 17.13 -3.07
CA GLY B 189 -3.14 17.79 -1.79
C GLY B 189 -4.58 17.88 -1.33
N GLN B 190 -5.49 18.25 -2.25
CA GLN B 190 -6.88 18.36 -1.87
C GLN B 190 -7.55 17.01 -1.76
N ASP B 191 -7.10 16.02 -2.53
CA ASP B 191 -7.71 14.70 -2.40
C ASP B 191 -7.39 14.08 -1.05
N LEU B 192 -6.31 14.53 -0.40
CA LEU B 192 -6.03 14.09 0.95
C LEU B 192 -6.79 14.92 1.97
N HIS B 193 -6.74 16.25 1.84
CA HIS B 193 -7.46 17.11 2.76
C HIS B 193 -8.95 16.80 2.74
N SER B 194 -9.47 16.29 1.63
CA SER B 194 -10.87 15.94 1.60
C SER B 194 -11.12 14.59 2.25
N LEU B 195 -10.21 13.63 2.04
CA LEU B 195 -10.37 12.31 2.63
C LEU B 195 -10.30 12.36 4.14
N LEU B 196 -9.38 13.17 4.67
CA LEU B 196 -9.32 13.31 6.11
C LEU B 196 -10.62 13.89 6.66
N ALA B 197 -11.14 14.93 6.01
CA ALA B 197 -12.38 15.53 6.48
C ALA B 197 -13.59 14.65 6.18
N SER B 198 -13.48 13.74 5.22
CA SER B 198 -14.57 12.79 5.01
C SER B 198 -14.53 11.66 6.02
N ASN B 199 -13.36 11.38 6.60
CA ASN B 199 -13.27 10.32 7.59
C ASN B 199 -13.94 10.74 8.88
N PHE B 200 -13.65 11.96 9.35
CA PHE B 200 -14.32 12.49 10.52
C PHE B 200 -15.82 12.31 10.44
N ASP B 201 -16.39 12.48 9.25
CA ASP B 201 -17.84 12.41 9.12
C ASP B 201 -18.32 10.97 9.19
N THR B 202 -17.53 10.02 8.72
CA THR B 202 -17.95 8.63 8.81
C THR B 202 -18.03 8.17 10.26
N LEU B 203 -17.13 8.64 11.10
CA LEU B 203 -17.17 8.26 12.50
C LEU B 203 -18.32 8.95 13.22
N SER B 204 -18.63 10.19 12.83
CA SER B 204 -19.70 10.91 13.51
C SER B 204 -21.04 10.24 13.32
N HIS B 205 -21.26 9.61 12.17
CA HIS B 205 -22.50 8.90 11.96
C HIS B 205 -22.66 7.77 12.97
N PHE B 206 -21.61 6.98 13.17
CA PHE B 206 -21.73 5.83 14.05
C PHE B 206 -22.06 6.27 15.48
N LEU B 207 -21.43 7.34 15.95
CA LEU B 207 -21.70 7.75 17.33
C LEU B 207 -23.10 8.30 17.48
N GLN B 208 -23.57 9.09 16.50
CA GLN B 208 -24.95 9.54 16.55
C GLN B 208 -25.91 8.37 16.46
N ASP B 209 -25.58 7.37 15.64
CA ASP B 209 -26.46 6.22 15.52
C ASP B 209 -26.32 5.27 16.69
N PHE B 210 -25.23 5.36 17.46
CA PHE B 210 -25.00 4.35 18.49
C PHE B 210 -26.05 4.43 19.58
N GLY B 211 -26.28 5.61 20.14
CA GLY B 211 -27.23 5.75 21.22
C GLY B 211 -28.61 5.24 20.88
N ASP B 212 -28.90 5.10 19.58
CA ASP B 212 -30.22 4.64 19.18
C ASP B 212 -30.23 3.15 18.90
N GLU B 213 -29.20 2.64 18.23
CA GLU B 213 -29.16 1.21 17.95
C GLU B 213 -28.80 0.40 19.18
N TYR B 214 -28.18 1.03 20.18
CA TYR B 214 -27.80 0.28 21.37
C TYR B 214 -29.00 0.00 22.26
N PHE B 215 -29.68 1.06 22.73
CA PHE B 215 -30.78 0.91 23.67
C PHE B 215 -32.05 0.38 23.02
N GLU B 216 -31.99 -0.07 21.77
CA GLU B 216 -33.17 -0.61 21.12
C GLU B 216 -32.83 -1.84 20.29
N ASP B 222 -35.19 -8.28 8.96
CA ASP B 222 -34.43 -9.11 8.02
C ASP B 222 -33.63 -8.28 7.02
N TYR B 223 -34.26 -7.23 6.50
CA TYR B 223 -33.60 -6.41 5.48
C TYR B 223 -33.15 -5.08 6.05
N LYS B 224 -34.03 -4.38 6.76
CA LYS B 224 -33.57 -3.21 7.51
C LYS B 224 -32.64 -3.62 8.63
N VAL B 225 -32.70 -4.89 9.05
CA VAL B 225 -31.65 -5.45 9.89
C VAL B 225 -30.31 -5.34 9.18
N VAL B 226 -30.28 -5.70 7.89
CA VAL B 226 -29.02 -5.72 7.15
C VAL B 226 -28.59 -4.33 6.73
N GLU B 227 -29.52 -3.50 6.25
CA GLU B 227 -29.13 -2.16 5.82
C GLU B 227 -28.61 -1.34 6.99
N LYS B 228 -29.32 -1.37 8.11
CA LYS B 228 -28.79 -0.74 9.31
C LYS B 228 -27.51 -1.41 9.79
N ARG B 229 -27.37 -2.72 9.56
CA ARG B 229 -26.06 -3.34 9.74
C ARG B 229 -25.05 -2.80 8.74
N LYS B 230 -25.49 -2.59 7.50
CA LYS B 230 -24.60 -2.00 6.50
C LYS B 230 -24.20 -0.59 6.88
N LYS B 231 -25.16 0.24 7.26
CA LYS B 231 -24.85 1.63 7.61
C LYS B 231 -24.02 1.75 8.88
N ASN B 232 -23.77 0.63 9.56
CA ASN B 232 -22.80 0.64 10.65
C ASN B 232 -21.48 0.03 10.19
N LEU B 233 -21.51 -1.23 9.76
CA LEU B 233 -20.28 -1.95 9.44
C LEU B 233 -19.54 -1.30 8.28
N GLU B 234 -20.17 -1.27 7.11
CA GLU B 234 -19.47 -0.82 5.91
C GLU B 234 -19.14 0.66 5.95
N ARG B 235 -19.58 1.37 6.99
CA ARG B 235 -19.24 2.78 7.08
C ARG B 235 -17.88 2.97 7.74
N TYR B 236 -17.77 2.65 9.03
CA TYR B 236 -16.52 2.91 9.73
C TYR B 236 -15.41 2.00 9.24
N LYS B 237 -15.74 0.87 8.62
CA LYS B 237 -14.70 -0.06 8.20
C LYS B 237 -13.86 0.49 7.07
N SER B 238 -14.24 1.60 6.47
CA SER B 238 -13.41 2.20 5.45
C SER B 238 -12.28 3.03 6.05
N VAL B 239 -12.40 3.41 7.32
CA VAL B 239 -11.33 4.14 7.97
C VAL B 239 -10.19 3.19 8.31
N LEU B 240 -10.52 1.96 8.67
CA LEU B 240 -9.51 0.99 9.05
C LEU B 240 -8.67 0.56 7.85
N ASP B 241 -9.30 0.35 6.70
CA ASP B 241 -8.64 -0.24 5.55
C ASP B 241 -8.02 0.81 4.65
N SER B 242 -7.78 2.02 5.15
CA SER B 242 -7.27 3.09 4.30
C SER B 242 -6.03 3.70 4.91
N LYS B 243 -5.14 2.86 5.42
CA LYS B 243 -3.87 3.39 5.91
C LYS B 243 -2.93 3.69 4.76
N SER B 244 -3.03 2.92 3.67
CA SER B 244 -2.09 3.09 2.56
C SER B 244 -2.49 4.23 1.64
N ASP B 245 -3.80 4.44 1.46
CA ASP B 245 -4.25 5.53 0.60
C ASP B 245 -3.90 6.88 1.20
N GLU B 246 -4.11 7.04 2.50
CA GLU B 246 -3.76 8.30 3.16
C GLU B 246 -2.26 8.53 3.13
N GLU B 247 -1.47 7.45 3.19
CA GLU B 247 -0.03 7.61 3.18
C GLU B 247 0.50 7.89 1.79
N ALA B 248 -0.15 7.35 0.76
CA ALA B 248 0.29 7.60 -0.61
C ALA B 248 0.02 9.04 -1.01
N LEU B 249 -1.22 9.52 -0.79
CA LEU B 249 -1.55 10.88 -1.16
C LEU B 249 -0.73 11.91 -0.41
N ALA B 250 -0.16 11.55 0.74
CA ALA B 250 0.70 12.49 1.43
C ALA B 250 2.05 12.59 0.76
N ASN B 251 2.53 11.50 0.15
CA ASN B 251 3.80 11.55 -0.56
C ASN B 251 3.71 12.49 -1.74
N TYR B 252 2.70 12.31 -2.59
CA TYR B 252 2.49 13.23 -3.70
C TYR B 252 2.35 14.65 -3.21
N ALA B 253 1.52 14.89 -2.20
CA ALA B 253 1.16 16.23 -1.81
C ALA B 253 2.36 17.08 -1.45
N GLU B 254 3.53 16.49 -1.24
CA GLU B 254 4.71 17.31 -0.98
C GLU B 254 5.32 17.81 -2.26
N TRP B 255 5.11 17.11 -3.36
CA TRP B 255 5.68 17.49 -4.64
C TRP B 255 5.01 18.72 -5.24
N GLU B 256 3.79 19.02 -4.83
CA GLU B 256 2.92 19.93 -5.54
C GLU B 256 3.31 21.39 -5.31
N PRO B 257 2.88 22.29 -6.19
CA PRO B 257 3.10 23.69 -5.98
C PRO B 257 2.04 24.28 -5.07
N PRO B 258 2.19 25.52 -4.65
CA PRO B 258 1.19 26.16 -3.76
C PRO B 258 -0.02 26.76 -4.45
N HIS B 259 -1.06 25.95 -4.64
CA HIS B 259 -2.29 26.50 -5.17
C HIS B 259 -3.13 27.16 -4.07
N GLY B 260 -4.34 27.55 -4.43
CA GLY B 260 -5.11 28.48 -3.60
C GLY B 260 -5.56 27.84 -2.30
N GLN B 261 -5.34 28.56 -1.21
CA GLN B 261 -5.61 28.21 0.19
C GLN B 261 -4.65 27.17 0.73
N PHE B 262 -3.62 26.77 -0.02
CA PHE B 262 -2.64 25.80 0.42
C PHE B 262 -1.26 26.41 0.26
N ARG B 263 -0.73 26.95 1.35
CA ARG B 263 0.51 27.71 1.29
C ARG B 263 1.70 26.81 0.95
N PHE B 264 2.89 27.41 1.01
CA PHE B 264 4.09 26.71 0.58
C PHE B 264 4.47 25.59 1.54
N ARG B 265 4.41 25.86 2.84
CA ARG B 265 4.75 24.87 3.87
C ARG B 265 3.45 24.29 4.41
N HIS B 266 2.83 23.44 3.63
CA HIS B 266 1.61 22.90 4.18
C HIS B 266 1.90 21.57 4.85
N PRO B 267 1.53 21.39 6.10
CA PRO B 267 2.01 20.23 6.84
C PRO B 267 1.28 18.95 6.47
N TRP B 268 1.74 18.28 5.42
CA TRP B 268 1.08 17.04 5.01
C TRP B 268 1.43 15.89 5.93
N LYS B 269 2.43 16.03 6.80
CA LYS B 269 2.71 14.95 7.73
C LYS B 269 1.85 15.03 8.98
N GLN B 270 1.33 16.21 9.30
CA GLN B 270 0.33 16.27 10.37
C GLN B 270 -1.01 15.72 9.91
N TYR B 271 -1.35 15.87 8.64
CA TYR B 271 -2.58 15.29 8.13
C TYR B 271 -2.59 13.78 8.30
N VAL B 272 -1.41 13.16 8.33
CA VAL B 272 -1.38 11.72 8.52
C VAL B 272 -1.29 11.38 10.00
N ALA B 273 -0.71 12.28 10.81
CA ALA B 273 -0.72 12.07 12.24
C ALA B 273 -2.14 12.06 12.79
N VAL B 274 -2.97 13.01 12.37
CA VAL B 274 -4.37 13.02 12.77
C VAL B 274 -5.07 11.77 12.27
N GLY B 275 -4.87 11.42 11.01
CA GLY B 275 -5.46 10.20 10.50
C GLY B 275 -5.02 8.97 11.26
N ALA B 276 -3.88 9.05 11.94
CA ALA B 276 -3.44 7.94 12.77
C ALA B 276 -4.25 7.84 14.05
N LEU B 277 -4.64 8.98 14.61
CA LEU B 277 -5.51 8.95 15.77
C LEU B 277 -6.91 8.49 15.39
N LEU B 278 -7.42 8.95 14.26
CA LEU B 278 -8.73 8.53 13.81
C LEU B 278 -8.80 7.03 13.62
N ARG B 279 -7.68 6.41 13.26
CA ARG B 279 -7.68 4.96 13.13
C ARG B 279 -7.77 4.29 14.49
N GLN B 280 -7.35 4.97 15.56
CA GLN B 280 -7.50 4.39 16.89
C GLN B 280 -8.95 4.40 17.34
N CYS B 281 -9.69 5.45 16.99
CA CYS B 281 -11.12 5.44 17.27
C CYS B 281 -11.82 4.32 16.50
N ALA B 282 -11.37 4.02 15.29
CA ALA B 282 -11.97 2.93 14.56
C ALA B 282 -11.70 1.60 15.24
N TYR B 283 -10.59 1.48 15.97
CA TYR B 283 -10.36 0.25 16.73
C TYR B 283 -11.42 0.08 17.80
N ARG B 284 -11.63 1.11 18.61
CA ARG B 284 -12.62 1.03 19.68
C ARG B 284 -14.03 0.90 19.12
N ILE B 285 -14.38 1.74 18.14
CA ILE B 285 -15.69 1.66 17.51
C ILE B 285 -15.92 0.26 16.94
N ASP B 286 -14.85 -0.43 16.55
CA ASP B 286 -15.01 -1.79 16.09
C ASP B 286 -15.41 -2.73 17.21
N ALA B 287 -14.96 -2.47 18.43
CA ALA B 287 -15.35 -3.33 19.55
C ALA B 287 -16.81 -3.08 19.94
N LEU B 288 -17.24 -1.82 19.90
CA LEU B 288 -18.64 -1.51 20.15
C LEU B 288 -19.54 -2.22 19.16
N ASN B 289 -19.09 -2.38 17.93
CA ASN B 289 -19.94 -2.96 16.90
C ASN B 289 -20.17 -4.44 17.13
N SER B 290 -19.17 -5.16 17.62
CA SER B 290 -19.36 -6.59 17.81
C SER B 290 -20.38 -6.87 18.91
N TYR B 291 -20.31 -6.14 20.02
CA TYR B 291 -21.31 -6.31 21.06
C TYR B 291 -22.69 -5.84 20.63
N ILE B 292 -22.81 -5.24 19.46
CA ILE B 292 -24.11 -4.89 18.91
C ILE B 292 -24.65 -6.03 18.06
N ASN B 293 -23.77 -6.72 17.34
CA ASN B 293 -24.15 -7.82 16.47
C ASN B 293 -23.94 -9.19 17.10
N SER B 294 -23.83 -9.26 18.42
CA SER B 294 -23.75 -10.56 19.08
C SER B 294 -25.13 -11.04 19.49
N ASP B 295 -25.26 -12.35 19.71
CA ASP B 295 -26.55 -12.91 20.09
C ASP B 295 -26.84 -12.65 21.56
N PHE B 296 -25.86 -12.83 22.44
CA PHE B 296 -26.08 -12.65 23.87
C PHE B 296 -26.17 -11.18 24.21
N GLN B 297 -27.37 -10.62 24.14
CA GLN B 297 -27.61 -9.22 24.40
C GLN B 297 -28.30 -9.06 25.74
N ILE B 298 -27.89 -8.05 26.49
CA ILE B 298 -28.46 -7.80 27.81
C ILE B 298 -29.94 -7.45 27.65
N PRO B 299 -30.83 -7.92 28.52
CA PRO B 299 -32.20 -7.40 28.52
C PRO B 299 -32.21 -5.89 28.65
N VAL B 300 -33.19 -5.27 28.00
CA VAL B 300 -33.13 -3.84 27.73
C VAL B 300 -33.10 -3.03 29.02
N ASP B 301 -34.04 -3.26 29.93
CA ASP B 301 -34.23 -2.37 31.07
C ASP B 301 -32.99 -2.25 31.95
N ILE B 302 -32.09 -3.24 31.90
CA ILE B 302 -30.85 -3.11 32.66
C ILE B 302 -29.89 -2.17 31.94
N LYS B 303 -29.87 -2.20 30.61
CA LYS B 303 -29.13 -1.19 29.87
C LYS B 303 -29.69 0.19 30.12
N LYS B 304 -31.00 0.29 30.28
CA LYS B 304 -31.69 1.58 30.29
C LYS B 304 -31.36 2.41 31.52
N LYS B 305 -30.78 1.84 32.56
CA LYS B 305 -30.47 2.61 33.74
C LYS B 305 -29.20 3.44 33.60
N LEU B 306 -28.41 3.21 32.55
CA LEU B 306 -27.30 4.10 32.21
C LEU B 306 -27.59 4.88 30.94
N GLU B 307 -28.85 4.89 30.49
CA GLU B 307 -29.18 5.51 29.22
C GLU B 307 -29.05 7.02 29.26
N THR B 308 -29.07 7.63 30.42
CA THR B 308 -28.94 9.07 30.43
C THR B 308 -27.52 9.49 30.06
N PRO B 309 -26.47 9.01 30.74
CA PRO B 309 -25.13 9.45 30.36
C PRO B 309 -24.59 8.78 29.10
N LEU B 310 -24.86 7.50 28.90
CA LEU B 310 -24.30 6.81 27.74
C LEU B 310 -24.88 7.34 26.44
N ARG B 311 -26.06 7.96 26.50
CA ARG B 311 -26.58 8.63 25.32
C ARG B 311 -26.06 10.05 25.21
N ARG B 312 -25.72 10.67 26.33
CA ARG B 312 -25.13 12.00 26.31
C ARG B 312 -23.65 11.94 25.96
N MET B 313 -22.94 10.92 26.44
CA MET B 313 -21.54 10.75 26.07
C MET B 313 -21.41 10.47 24.59
N SER B 314 -22.22 9.53 24.08
CA SER B 314 -22.09 9.13 22.68
C SER B 314 -22.44 10.26 21.74
N SER B 315 -23.50 11.02 22.06
CA SER B 315 -23.97 12.05 21.15
C SER B 315 -23.02 13.23 21.12
N GLU B 316 -22.66 13.77 22.28
CA GLU B 316 -21.83 14.97 22.29
C GLU B 316 -20.43 14.71 21.78
N SER B 317 -20.02 13.44 21.70
CA SER B 317 -18.77 13.15 21.04
C SER B 317 -18.94 13.24 19.53
N GLY B 318 -20.02 12.70 19.00
CA GLY B 318 -20.28 12.80 17.57
C GLY B 318 -20.51 14.22 17.11
N ASN B 319 -21.09 15.06 17.97
CA ASN B 319 -21.25 16.46 17.61
C ASN B 319 -19.95 17.22 17.76
N SER B 320 -18.92 16.58 18.33
CA SER B 320 -17.60 17.20 18.34
C SER B 320 -16.81 16.82 17.11
N MET B 321 -16.91 15.57 16.67
CA MET B 321 -16.25 15.16 15.44
C MET B 321 -16.92 15.79 14.23
N LYS B 322 -18.18 16.18 14.36
CA LYS B 322 -18.90 16.78 13.25
C LYS B 322 -18.40 18.20 13.00
N GLU B 323 -18.02 18.93 14.04
CA GLU B 323 -17.46 20.25 13.83
C GLU B 323 -16.06 20.19 13.25
N MET B 324 -15.25 19.23 13.67
CA MET B 324 -13.92 19.11 13.09
C MET B 324 -13.99 18.75 11.62
N SER B 325 -15.04 18.07 11.19
CA SER B 325 -15.20 17.77 9.77
C SER B 325 -15.65 19.00 8.99
N ILE B 326 -16.42 19.87 9.63
CA ILE B 326 -16.83 21.10 8.96
C ILE B 326 -15.75 22.17 9.07
N SER B 327 -15.00 22.16 10.17
CA SER B 327 -13.86 23.06 10.28
C SER B 327 -12.73 22.70 9.34
N LEU B 328 -12.83 21.58 8.62
CA LEU B 328 -11.84 21.26 7.60
C LEU B 328 -12.37 21.45 6.19
N LYS B 329 -13.64 21.12 5.95
CA LYS B 329 -14.20 21.42 4.64
C LYS B 329 -14.27 22.92 4.40
N GLN B 330 -14.49 23.69 5.46
CA GLN B 330 -14.55 25.14 5.35
C GLN B 330 -13.19 25.79 5.46
N MET B 331 -12.16 25.06 5.90
CA MET B 331 -10.80 25.56 5.93
C MET B 331 -10.67 26.78 6.83
N ILE B 332 -11.35 26.76 7.97
CA ILE B 332 -11.35 27.88 8.90
C ILE B 332 -11.07 27.35 10.30
N LYS B 333 -10.24 28.07 11.05
CA LYS B 333 -10.09 27.76 12.47
C LYS B 333 -11.45 27.78 13.13
N SER B 334 -11.76 26.74 13.91
CA SER B 334 -13.03 26.67 14.59
C SER B 334 -12.81 26.41 16.06
N SER B 335 -13.56 27.13 16.89
CA SER B 335 -13.55 26.90 18.33
C SER B 335 -14.89 26.34 18.80
N SER B 336 -15.70 25.80 17.89
CA SER B 336 -16.94 25.16 18.30
C SER B 336 -16.68 23.82 18.98
N SER B 337 -15.63 23.11 18.56
CA SER B 337 -15.36 21.80 19.12
C SER B 337 -15.07 21.85 20.62
N ASP B 338 -14.65 23.00 21.15
CA ASP B 338 -14.38 23.08 22.57
C ASP B 338 -15.66 22.99 23.39
N ILE B 339 -16.74 23.61 22.91
CA ILE B 339 -18.01 23.50 23.59
C ILE B 339 -18.51 22.07 23.52
N HIS B 340 -18.31 21.40 22.39
CA HIS B 340 -18.84 20.06 22.23
C HIS B 340 -17.98 19.01 22.91
N VAL B 341 -16.72 19.29 23.16
CA VAL B 341 -15.89 18.30 23.84
C VAL B 341 -15.96 18.48 25.35
N SER B 342 -16.16 19.71 25.84
CA SER B 342 -16.27 19.92 27.28
C SER B 342 -17.48 19.22 27.85
N ASN B 343 -18.60 19.21 27.12
CA ASN B 343 -19.79 18.53 27.60
C ASN B 343 -19.53 17.04 27.77
N SER B 344 -18.72 16.46 26.88
CA SER B 344 -18.43 15.04 26.97
C SER B 344 -17.59 14.71 28.19
N GLN B 345 -16.61 15.56 28.53
CA GLN B 345 -15.90 15.36 29.78
C GLN B 345 -16.81 15.53 30.97
N ALA B 346 -17.78 16.45 30.87
CA ALA B 346 -18.76 16.60 31.94
C ALA B 346 -19.64 15.36 32.06
N ALA B 347 -20.01 14.76 30.93
CA ALA B 347 -20.82 13.55 30.98
C ALA B 347 -20.03 12.37 31.52
N CYS B 348 -18.70 12.43 31.46
CA CYS B 348 -17.89 11.38 32.04
C CYS B 348 -17.93 11.44 33.56
N LYS B 349 -17.80 12.64 34.12
CA LYS B 349 -17.82 12.78 35.57
C LYS B 349 -19.19 12.43 36.14
N SER B 350 -20.27 12.85 35.48
CA SER B 350 -21.60 12.53 35.98
C SER B 350 -21.91 11.05 35.84
N LEU B 351 -21.16 10.32 35.00
CA LEU B 351 -21.31 8.88 34.98
C LEU B 351 -20.63 8.26 36.19
N SER B 352 -19.50 8.81 36.60
CA SER B 352 -18.84 8.32 37.81
C SER B 352 -19.74 8.47 39.02
N THR B 353 -20.24 9.67 39.27
CA THR B 353 -21.14 9.90 40.39
C THR B 353 -22.45 9.12 40.26
N LEU B 354 -22.77 8.65 39.06
CA LEU B 354 -23.85 7.68 38.93
C LEU B 354 -23.37 6.27 39.26
N LEU B 355 -22.14 5.93 38.87
CA LEU B 355 -21.60 4.63 39.21
C LEU B 355 -21.18 4.56 40.67
N LYS B 356 -20.59 5.63 41.19
CA LYS B 356 -20.25 5.68 42.62
C LYS B 356 -21.48 5.57 43.50
N SER B 357 -22.61 6.12 43.07
CA SER B 357 -23.85 6.03 43.82
C SER B 357 -24.37 4.61 43.95
N GLY B 358 -23.71 3.64 43.33
CA GLY B 358 -24.07 2.26 43.52
C GLY B 358 -25.44 1.93 42.98
N ILE B 359 -25.57 1.90 41.66
CA ILE B 359 -26.83 1.51 41.04
C ILE B 359 -26.74 0.12 40.41
N LEU B 360 -25.59 -0.27 39.88
CA LEU B 360 -25.43 -1.55 39.21
C LEU B 360 -25.18 -2.71 40.17
N ASN B 361 -25.46 -2.54 41.46
CA ASN B 361 -25.15 -3.59 42.42
C ASN B 361 -26.07 -4.80 42.32
N ASP B 362 -27.16 -4.71 41.57
CA ASP B 362 -28.21 -5.72 41.63
C ASP B 362 -28.32 -6.57 40.37
N VAL B 363 -27.45 -6.37 39.39
CA VAL B 363 -27.49 -7.11 38.14
C VAL B 363 -26.52 -8.27 38.20
N GLU B 364 -26.90 -9.39 37.58
CA GLU B 364 -26.06 -10.58 37.59
C GLU B 364 -24.74 -10.29 36.90
N PRO B 365 -23.60 -10.68 37.50
CA PRO B 365 -22.30 -10.26 36.98
C PRO B 365 -21.98 -10.75 35.58
N LEU B 366 -22.66 -11.79 35.09
CA LEU B 366 -22.46 -12.19 33.71
C LEU B 366 -22.92 -11.10 32.75
N GLN B 367 -23.82 -10.24 33.21
CA GLN B 367 -24.25 -9.12 32.39
C GLN B 367 -23.35 -7.91 32.61
N MET B 368 -22.78 -7.78 33.80
CA MET B 368 -21.88 -6.65 34.06
C MET B 368 -20.63 -6.72 33.20
N ILE B 369 -20.35 -7.86 32.58
CA ILE B 369 -19.21 -7.96 31.68
C ILE B 369 -19.40 -7.03 30.49
N SER B 370 -20.48 -7.26 29.75
CA SER B 370 -20.70 -6.52 28.51
C SER B 370 -21.15 -5.09 28.78
N LEU B 371 -21.79 -4.84 29.92
CA LEU B 371 -22.27 -3.49 30.18
C LEU B 371 -21.12 -2.57 30.55
N MET B 372 -20.25 -3.00 31.46
CA MET B 372 -19.07 -2.21 31.77
C MET B 372 -18.06 -2.24 30.64
N THR B 373 -18.20 -3.17 29.70
CA THR B 373 -17.39 -3.13 28.50
C THR B 373 -17.68 -1.89 27.68
N THR B 374 -18.94 -1.72 27.27
CA THR B 374 -19.28 -0.58 26.42
C THR B 374 -18.99 0.73 27.12
N VAL B 375 -19.25 0.82 28.42
CA VAL B 375 -18.89 2.02 29.16
C VAL B 375 -17.40 2.28 29.05
N SER B 376 -16.61 1.21 28.97
CA SER B 376 -15.17 1.38 28.88
C SER B 376 -14.74 1.81 27.49
N MET B 377 -15.26 1.15 26.45
CA MET B 377 -14.90 1.56 25.10
C MET B 377 -15.40 2.96 24.78
N LEU B 378 -16.52 3.37 25.37
CA LEU B 378 -17.04 4.70 25.12
C LEU B 378 -16.22 5.76 25.84
N ILE B 379 -15.79 5.47 27.06
CA ILE B 379 -14.99 6.45 27.79
C ILE B 379 -13.64 6.65 27.10
N ASP B 380 -13.13 5.60 26.45
CA ASP B 380 -11.87 5.74 25.73
C ASP B 380 -12.04 6.55 24.47
N ILE B 381 -13.17 6.41 23.78
CA ILE B 381 -13.44 7.22 22.61
C ILE B 381 -13.49 8.69 22.99
N VAL B 382 -14.25 9.03 24.03
CA VAL B 382 -14.31 10.41 24.48
C VAL B 382 -12.93 10.92 24.82
N ASN B 383 -12.10 10.07 25.40
CA ASN B 383 -10.74 10.49 25.72
C ASN B 383 -9.91 10.70 24.47
N LEU B 384 -10.24 9.99 23.39
CA LEU B 384 -9.50 10.15 22.14
C LEU B 384 -9.91 11.43 21.44
N THR B 385 -11.21 11.69 21.31
CA THR B 385 -11.64 12.89 20.60
C THR B 385 -11.20 14.15 21.32
N GLU B 386 -10.75 14.03 22.57
CA GLU B 386 -10.14 15.18 23.22
C GLU B 386 -8.72 15.40 22.71
N LYS B 387 -8.02 14.31 22.38
CA LYS B 387 -6.69 14.44 21.81
C LYS B 387 -6.74 14.81 20.35
N ILE B 388 -7.73 14.28 19.61
CA ILE B 388 -7.89 14.68 18.22
C ILE B 388 -8.23 16.16 18.14
N SER B 389 -9.08 16.64 19.05
CA SER B 389 -9.47 18.05 19.02
C SER B 389 -8.28 18.96 19.23
N GLU B 390 -7.35 18.57 20.11
CA GLU B 390 -6.20 19.43 20.31
C GLU B 390 -5.22 19.33 19.16
N SER B 391 -5.33 18.29 18.33
CA SER B 391 -4.38 18.14 17.24
C SER B 391 -4.85 18.85 15.99
N VAL B 392 -6.12 18.69 15.62
CA VAL B 392 -6.67 19.48 14.52
C VAL B 392 -6.59 20.96 14.83
N HIS B 393 -6.83 21.35 16.08
CA HIS B 393 -6.68 22.74 16.46
C HIS B 393 -5.25 23.21 16.25
N GLU B 394 -4.29 22.29 16.32
CA GLU B 394 -2.90 22.64 16.06
C GLU B 394 -2.58 22.63 14.57
N LEU B 395 -3.17 21.69 13.84
CA LEU B 395 -2.99 21.66 12.39
C LEU B 395 -3.50 22.94 11.75
N ALA B 396 -4.61 23.47 12.25
CA ALA B 396 -5.18 24.68 11.65
C ALA B 396 -4.29 25.89 11.88
N SER B 397 -3.46 25.88 12.91
CA SER B 397 -2.56 27.00 13.14
C SER B 397 -1.37 26.94 12.20
N ALA B 398 -0.67 25.81 12.17
CA ALA B 398 0.52 25.65 11.35
C ALA B 398 0.20 25.38 9.90
N ALA B 399 -1.05 25.52 9.49
CA ALA B 399 -1.42 25.57 8.08
C ALA B 399 -2.04 26.90 7.72
N ARG B 400 -2.10 27.84 8.68
CA ARG B 400 -2.51 29.21 8.46
C ARG B 400 -3.91 29.28 7.87
N PHE B 401 -4.87 28.79 8.65
CA PHE B 401 -6.27 28.88 8.27
C PHE B 401 -6.78 30.28 8.54
N LYS B 402 -7.82 30.68 7.80
CA LYS B 402 -8.40 32.00 7.99
C LYS B 402 -8.96 32.12 9.39
N ASN B 403 -8.41 33.06 10.16
CA ASN B 403 -8.76 33.22 11.57
C ASN B 403 -10.12 33.87 11.77
N LYS B 404 -10.92 33.97 10.71
CA LYS B 404 -12.19 34.70 10.78
C LYS B 404 -13.18 33.99 11.70
N MET B 405 -13.31 32.67 11.56
CA MET B 405 -14.29 31.89 12.30
C MET B 405 -15.70 32.37 11.97
C1 LMR C . 9.87 1.05 -21.31
O1A LMR C . 8.97 0.29 -20.94
O1B LMR C . 10.69 0.66 -22.17
C2 LMR C . 9.97 2.42 -20.72
O2 LMR C . 9.85 2.36 -19.32
C3 LMR C . 11.30 3.06 -21.10
C4 LMR C . 11.36 4.41 -20.45
O4A LMR C . 11.58 5.43 -21.12
O4B LMR C . 11.18 4.51 -19.22
#